data_3EBD
#
_entry.id   3EBD
#
_cell.length_a   213.440
_cell.length_b   213.440
_cell.length_c   116.109
_cell.angle_alpha   90.000
_cell.angle_beta   90.000
_cell.angle_gamma   120.000
#
_symmetry.space_group_name_H-M   'P 61 2 2'
#
loop_
_entity.id
_entity.type
_entity.pdbx_description
1 polymer 'Nitric oxide synthase, inducible'
2 non-polymer 'PROTOPORPHYRIN IX CONTAINING FE'
3 non-polymer 5,6,7,8-TETRAHYDROBIOPTERIN
4 non-polymer (2S)-2-methyl-2,3-dihydrothieno[2,3-f][1,4]oxazepin-5-amine
5 non-polymer 'SULFATE ION'
6 water water
#
_entity_poly.entity_id   1
_entity_poly.type   'polypeptide(L)'
_entity_poly.pdbx_seq_one_letter_code
;LDKLHVTSTRPQYVRIKNWGSGEILHDTLHHKATSDFTCKSKSCLGSIMNPKSLTRGPRDKPTPLEELLPHAIEFINQYY
GSFKEAKIEEHLARLEAVTKEIETTGTYQLTLDELIFATKMAWRNAPRCIGRIQWSNLQVFDARNCSTAQEMFQHICRHI
LYATNNGNIRSAITVFPQRSDGKHDFRLWNSQLIRYAGYQMPDGTIRGDAATLEFTQLCIDLGWKPRYGRFDVLPLVLQA
DGQDPEVFEIPPDLVLEVTMEHPKYEWFQELGLKWYALPAVANMLLEVGGLEFPACPFNGWYMGTEIGVRDFCDTQRYNI
LEEVGRRMGLETHTLASLWKDRAVTEINVAVLHSFQKQNVTIMDHHTASESFMKHMQNEYRARGGCPADWIWLVPPVSGS
ITPVFHQEMLNYVLSPFYYYQIEPWKTHIWQNE
;
_entity_poly.pdbx_strand_id   A,B
#
loop_
_chem_comp.id
_chem_comp.type
_chem_comp.name
_chem_comp.formula
329 non-polymer (2S)-2-methyl-2,3-dihydrothieno[2,3-f][1,4]oxazepin-5-amine 'C8 H10 N2 O S'
H4B non-polymer 5,6,7,8-TETRAHYDROBIOPTERIN 'C9 H15 N5 O3'
HEM non-polymer 'PROTOPORPHYRIN IX CONTAINING FE' 'C34 H32 Fe N4 O4'
SO4 non-polymer 'SULFATE ION' 'O4 S -2'
#
# COMPACT_ATOMS: atom_id res chain seq x y z
N GLN A 12 8.78 36.52 -42.26
CA GLN A 12 9.66 35.78 -43.24
C GLN A 12 10.57 34.80 -42.52
N TYR A 13 11.32 35.27 -41.53
CA TYR A 13 12.24 34.39 -40.79
C TYR A 13 12.83 35.09 -39.57
N VAL A 14 13.12 34.31 -38.52
CA VAL A 14 13.70 34.86 -37.32
C VAL A 14 15.22 34.74 -37.38
N ARG A 15 15.89 35.85 -37.11
CA ARG A 15 17.35 35.92 -37.14
C ARG A 15 17.92 35.35 -35.85
N ILE A 16 18.92 34.48 -35.99
CA ILE A 16 19.56 33.85 -34.84
C ILE A 16 21.07 34.04 -34.88
N LYS A 17 21.65 34.43 -33.75
CA LYS A 17 23.09 34.65 -33.70
C LYS A 17 23.84 33.79 -32.70
N ASN A 18 25.07 33.43 -33.07
CA ASN A 18 25.94 32.65 -32.21
C ASN A 18 27.04 33.61 -31.76
N TRP A 19 26.89 34.15 -30.56
CA TRP A 19 27.84 35.11 -30.03
C TRP A 19 29.28 34.66 -29.89
N GLY A 20 29.51 33.36 -29.98
CA GLY A 20 30.87 32.88 -29.86
C GLY A 20 31.59 33.05 -31.18
N SER A 21 30.88 32.74 -32.26
CA SER A 21 31.41 32.79 -33.60
C SER A 21 30.97 34.00 -34.42
N GLY A 22 29.87 34.62 -34.02
CA GLY A 22 29.37 35.75 -34.75
C GLY A 22 28.44 35.32 -35.86
N GLU A 23 28.49 34.04 -36.22
CA GLU A 23 27.64 33.48 -37.28
C GLU A 23 26.17 33.82 -37.08
N ILE A 24 25.47 33.99 -38.20
CA ILE A 24 24.05 34.32 -38.16
C ILE A 24 23.28 33.24 -38.90
N LEU A 25 22.10 32.90 -38.40
CA LEU A 25 21.27 31.90 -39.04
C LEU A 25 19.86 32.43 -39.19
N HIS A 26 19.18 31.99 -40.24
CA HIS A 26 17.82 32.43 -40.49
C HIS A 26 16.88 31.26 -40.29
N ASP A 27 15.99 31.38 -39.32
CA ASP A 27 15.06 30.30 -39.04
C ASP A 27 13.71 30.53 -39.70
N THR A 28 13.33 29.59 -40.56
CA THR A 28 12.04 29.65 -41.25
C THR A 28 11.20 28.45 -40.87
N LEU A 29 11.84 27.39 -40.40
CA LEU A 29 11.13 26.18 -40.03
C LEU A 29 10.06 26.41 -38.97
N HIS A 30 10.29 27.38 -38.10
CA HIS A 30 9.33 27.66 -37.04
C HIS A 30 7.93 27.94 -37.55
N HIS A 31 7.81 28.27 -38.84
CA HIS A 31 6.51 28.55 -39.42
C HIS A 31 5.64 27.30 -39.43
N LYS A 32 6.29 26.16 -39.60
CA LYS A 32 5.60 24.88 -39.62
C LYS A 32 5.18 24.47 -38.20
N ALA A 33 5.46 25.34 -37.24
CA ALA A 33 5.11 25.06 -35.85
C ALA A 33 3.62 24.76 -35.75
N THR A 34 3.28 23.84 -34.87
CA THR A 34 1.89 23.44 -34.67
C THR A 34 1.12 24.57 -34.01
N SER A 35 0.27 24.24 -33.04
CA SER A 35 -0.51 25.25 -32.34
C SER A 35 0.37 26.00 -31.35
N ASP A 36 -0.27 26.61 -30.36
CA ASP A 36 0.41 27.39 -29.33
C ASP A 36 1.45 26.62 -28.53
N PHE A 37 2.43 27.36 -28.03
CA PHE A 37 3.51 26.80 -27.24
C PHE A 37 3.31 27.13 -25.76
N THR A 38 4.39 27.27 -25.00
CA THR A 38 4.29 27.56 -23.57
C THR A 38 4.14 29.04 -23.25
N CYS A 39 5.20 29.81 -23.49
CA CYS A 39 5.21 31.24 -23.21
C CYS A 39 3.93 31.98 -23.64
N LYS A 40 3.52 32.93 -22.81
CA LYS A 40 2.34 33.75 -23.08
C LYS A 40 2.69 34.76 -24.19
N SER A 41 2.07 35.93 -24.11
CA SER A 41 2.31 37.01 -25.06
C SER A 41 3.08 38.09 -24.31
N LYS A 42 2.86 38.14 -23.00
CA LYS A 42 3.51 39.11 -22.14
C LYS A 42 4.22 38.38 -20.99
N SER A 43 4.62 37.15 -21.24
CA SER A 43 5.31 36.34 -20.23
C SER A 43 5.99 35.12 -20.85
N CYS A 44 7.16 34.78 -20.33
CA CYS A 44 7.92 33.64 -20.81
C CYS A 44 8.09 32.63 -19.68
N LEU A 45 7.94 31.35 -20.02
CA LEU A 45 8.10 30.27 -19.07
C LEU A 45 9.50 29.68 -19.31
N GLY A 46 9.65 29.04 -20.46
CA GLY A 46 10.92 28.45 -20.84
C GLY A 46 11.53 27.47 -19.85
N SER A 47 11.62 27.88 -18.58
CA SER A 47 12.20 27.06 -17.53
C SER A 47 11.23 26.10 -16.83
N ILE A 48 9.98 26.04 -17.29
CA ILE A 48 9.01 25.12 -16.69
C ILE A 48 9.29 23.75 -17.28
N MET A 49 9.51 22.77 -16.42
CA MET A 49 9.82 21.41 -16.87
C MET A 49 8.71 20.70 -17.63
N ASN A 50 7.52 20.67 -17.03
CA ASN A 50 6.39 19.99 -17.63
C ASN A 50 5.25 20.92 -18.01
N PRO A 51 5.46 21.76 -19.04
CA PRO A 51 4.37 22.65 -19.44
C PRO A 51 3.37 21.83 -20.26
N LYS A 52 2.14 22.33 -20.38
CA LYS A 52 1.12 21.62 -21.16
C LYS A 52 1.42 21.58 -22.64
N SER A 53 2.30 22.46 -23.10
CA SER A 53 2.66 22.51 -24.51
C SER A 53 3.45 21.27 -24.92
N LEU A 54 4.05 20.60 -23.95
CA LEU A 54 4.84 19.42 -24.24
C LEU A 54 4.15 18.14 -23.76
N THR A 55 2.91 18.28 -23.31
CA THR A 55 2.15 17.13 -22.82
C THR A 55 0.97 16.81 -23.71
N ARG A 56 0.76 15.53 -23.97
CA ARG A 56 -0.37 15.07 -24.77
C ARG A 56 -1.13 14.12 -23.83
N GLY A 57 -2.31 14.57 -23.42
CA GLY A 57 -3.12 13.79 -22.49
C GLY A 57 -3.91 12.62 -23.02
N PRO A 58 -4.72 12.00 -22.15
CA PRO A 58 -5.56 10.86 -22.51
C PRO A 58 -6.87 11.28 -23.16
N ARG A 59 -7.51 10.35 -23.85
CA ARG A 59 -8.80 10.59 -24.51
C ARG A 59 -9.76 9.51 -24.02
N ASP A 60 -10.99 9.54 -24.54
CA ASP A 60 -11.99 8.53 -24.20
C ASP A 60 -12.90 8.37 -25.41
N LYS A 61 -12.47 8.93 -26.53
CA LYS A 61 -13.20 8.86 -27.78
C LYS A 61 -12.18 8.98 -28.90
N PRO A 62 -12.43 8.29 -30.02
CA PRO A 62 -11.50 8.36 -31.14
C PRO A 62 -11.21 9.79 -31.51
N THR A 63 -10.20 10.00 -32.34
CA THR A 63 -9.85 11.33 -32.76
C THR A 63 -10.82 11.77 -33.84
N PRO A 64 -11.47 12.94 -33.66
CA PRO A 64 -12.41 13.42 -34.68
C PRO A 64 -11.79 13.36 -36.07
N LEU A 65 -12.55 12.88 -37.04
CA LEU A 65 -12.07 12.73 -38.41
C LEU A 65 -11.68 14.03 -39.09
N GLU A 66 -12.33 15.13 -38.72
CA GLU A 66 -12.01 16.42 -39.31
C GLU A 66 -10.58 16.81 -38.97
N GLU A 67 -10.12 16.37 -37.81
CA GLU A 67 -8.76 16.69 -37.37
C GLU A 67 -7.76 15.67 -37.90
N LEU A 68 -8.15 14.39 -37.88
CA LEU A 68 -7.25 13.34 -38.34
C LEU A 68 -6.83 13.43 -39.79
N LEU A 69 -7.79 13.33 -40.71
CA LEU A 69 -7.49 13.37 -42.13
C LEU A 69 -6.51 14.45 -42.54
N PRO A 70 -6.67 15.67 -42.02
CA PRO A 70 -5.74 16.75 -42.38
C PRO A 70 -4.31 16.43 -41.94
N HIS A 71 -4.18 15.95 -40.70
CA HIS A 71 -2.88 15.58 -40.17
C HIS A 71 -2.30 14.40 -40.94
N ALA A 72 -3.16 13.43 -41.23
CA ALA A 72 -2.76 12.24 -41.96
C ALA A 72 -2.21 12.63 -43.32
N ILE A 73 -2.99 13.44 -44.05
CA ILE A 73 -2.56 13.88 -45.37
C ILE A 73 -1.22 14.61 -45.24
N GLU A 74 -1.16 15.49 -44.25
CA GLU A 74 0.04 16.28 -43.99
C GLU A 74 1.28 15.39 -43.81
N PHE A 75 1.14 14.39 -42.93
CA PHE A 75 2.23 13.46 -42.66
C PHE A 75 2.63 12.68 -43.91
N ILE A 76 1.65 12.18 -44.64
CA ILE A 76 1.90 11.43 -45.85
C ILE A 76 2.68 12.29 -46.85
N ASN A 77 2.35 13.58 -46.91
CA ASN A 77 3.03 14.48 -47.82
C ASN A 77 4.46 14.70 -47.38
N GLN A 78 4.68 14.79 -46.08
CA GLN A 78 6.01 14.98 -45.54
C GLN A 78 6.86 13.74 -45.80
N TYR A 79 6.26 12.58 -45.57
CA TYR A 79 6.96 11.32 -45.78
C TYR A 79 7.42 11.18 -47.22
N TYR A 80 6.49 11.24 -48.16
CA TYR A 80 6.86 11.12 -49.57
C TYR A 80 7.76 12.24 -50.05
N GLY A 81 7.68 13.39 -49.39
CA GLY A 81 8.52 14.49 -49.79
C GLY A 81 9.98 14.25 -49.41
N SER A 82 10.20 13.43 -48.38
CA SER A 82 11.54 13.15 -47.90
C SER A 82 12.43 12.37 -48.84
N PHE A 83 11.84 11.64 -49.79
CA PHE A 83 12.63 10.85 -50.73
C PHE A 83 13.49 11.75 -51.63
N LYS A 84 14.68 11.27 -52.00
CA LYS A 84 15.56 12.06 -52.85
C LYS A 84 15.00 12.10 -54.26
N GLU A 85 14.41 10.98 -54.69
CA GLU A 85 13.78 10.88 -55.99
C GLU A 85 12.30 10.61 -55.76
N ALA A 86 11.47 11.59 -56.11
CA ALA A 86 10.03 11.49 -55.91
C ALA A 86 9.35 10.30 -56.55
N LYS A 87 8.28 9.84 -55.92
CA LYS A 87 7.50 8.70 -56.39
C LYS A 87 6.04 9.15 -56.33
N ILE A 88 5.68 10.06 -57.24
CA ILE A 88 4.33 10.62 -57.27
C ILE A 88 3.17 9.64 -57.25
N GLU A 89 3.23 8.62 -58.10
CA GLU A 89 2.15 7.65 -58.14
C GLU A 89 1.99 7.01 -56.77
N GLU A 90 3.10 6.47 -56.26
CA GLU A 90 3.10 5.85 -54.95
C GLU A 90 2.53 6.82 -53.93
N HIS A 91 2.97 8.07 -54.03
CA HIS A 91 2.51 9.12 -53.14
C HIS A 91 0.99 9.26 -53.30
N LEU A 92 0.58 9.46 -54.55
CA LEU A 92 -0.84 9.60 -54.87
C LEU A 92 -1.62 8.40 -54.37
N ALA A 93 -1.10 7.21 -54.64
CA ALA A 93 -1.76 5.98 -54.22
C ALA A 93 -1.92 5.94 -52.71
N ARG A 94 -0.82 6.17 -52.01
CA ARG A 94 -0.82 6.16 -50.55
C ARG A 94 -1.86 7.15 -50.00
N LEU A 95 -1.91 8.33 -50.62
CA LEU A 95 -2.86 9.35 -50.19
C LEU A 95 -4.29 8.82 -50.22
N GLU A 96 -4.66 8.17 -51.32
CA GLU A 96 -6.00 7.62 -51.47
C GLU A 96 -6.27 6.46 -50.52
N ALA A 97 -5.32 5.54 -50.46
CA ALA A 97 -5.46 4.37 -49.58
C ALA A 97 -5.66 4.81 -48.14
N VAL A 98 -4.87 5.80 -47.71
CA VAL A 98 -4.96 6.33 -46.35
C VAL A 98 -6.36 6.87 -46.10
N THR A 99 -6.81 7.71 -47.03
CA THR A 99 -8.14 8.33 -46.93
C THR A 99 -9.23 7.26 -46.81
N LYS A 100 -9.22 6.34 -47.76
CA LYS A 100 -10.22 5.27 -47.78
C LYS A 100 -10.17 4.48 -46.48
N GLU A 101 -8.97 4.29 -45.95
CA GLU A 101 -8.82 3.54 -44.72
C GLU A 101 -9.47 4.28 -43.55
N ILE A 102 -9.32 5.60 -43.54
CA ILE A 102 -9.90 6.44 -42.49
C ILE A 102 -11.42 6.42 -42.63
N GLU A 103 -11.91 6.46 -43.87
CA GLU A 103 -13.35 6.43 -44.10
C GLU A 103 -13.94 5.10 -43.61
N THR A 104 -13.26 4.01 -43.97
CA THR A 104 -13.73 2.68 -43.61
C THR A 104 -13.46 2.22 -42.18
N THR A 105 -12.42 2.73 -41.53
CA THR A 105 -12.12 2.29 -40.17
C THR A 105 -12.13 3.39 -39.13
N GLY A 106 -12.14 4.65 -39.57
CA GLY A 106 -12.14 5.75 -38.63
C GLY A 106 -10.75 6.00 -38.06
N THR A 107 -9.73 5.48 -38.75
CA THR A 107 -8.34 5.62 -38.35
C THR A 107 -7.51 4.99 -39.46
N TYR A 108 -6.20 4.87 -39.25
CA TYR A 108 -5.37 4.24 -40.26
C TYR A 108 -4.05 3.70 -39.69
N GLN A 109 -3.38 2.88 -40.48
CA GLN A 109 -2.13 2.27 -40.07
C GLN A 109 -0.98 2.76 -40.93
N LEU A 110 0.15 3.05 -40.28
CA LEU A 110 1.33 3.50 -41.00
C LEU A 110 2.09 2.30 -41.54
N THR A 111 2.79 2.49 -42.67
CA THR A 111 3.58 1.40 -43.21
C THR A 111 4.82 1.37 -42.32
N LEU A 112 5.48 0.22 -42.22
CA LEU A 112 6.65 0.15 -41.38
C LEU A 112 7.64 1.24 -41.71
N ASP A 113 7.80 1.54 -43.00
CA ASP A 113 8.74 2.55 -43.40
C ASP A 113 8.31 3.94 -42.93
N GLU A 114 7.01 4.21 -43.00
CA GLU A 114 6.51 5.50 -42.56
C GLU A 114 6.74 5.62 -41.05
N LEU A 115 6.57 4.51 -40.33
CA LEU A 115 6.76 4.52 -38.88
C LEU A 115 8.23 4.83 -38.56
N ILE A 116 9.14 4.13 -39.22
CA ILE A 116 10.55 4.36 -39.02
C ILE A 116 10.83 5.83 -39.29
N PHE A 117 10.27 6.33 -40.38
CA PHE A 117 10.46 7.73 -40.73
C PHE A 117 9.95 8.63 -39.60
N ALA A 118 8.78 8.29 -39.07
CA ALA A 118 8.16 9.06 -38.00
C ALA A 118 8.97 9.08 -36.72
N THR A 119 9.54 7.94 -36.34
CA THR A 119 10.30 7.89 -35.11
C THR A 119 11.56 8.72 -35.19
N LYS A 120 12.24 8.65 -36.34
CA LYS A 120 13.46 9.43 -36.54
C LYS A 120 13.17 10.93 -36.62
N MET A 121 12.09 11.29 -37.28
CA MET A 121 11.74 12.70 -37.39
C MET A 121 11.38 13.26 -36.02
N ALA A 122 10.57 12.52 -35.25
CA ALA A 122 10.17 12.97 -33.93
C ALA A 122 11.41 13.17 -33.06
N TRP A 123 12.38 12.28 -33.22
CA TRP A 123 13.62 12.40 -32.47
C TRP A 123 14.28 13.70 -32.96
N ARG A 124 14.33 13.82 -34.29
CA ARG A 124 14.91 14.99 -34.92
C ARG A 124 14.26 16.28 -34.40
N ASN A 125 12.98 16.19 -34.05
CA ASN A 125 12.22 17.35 -33.56
C ASN A 125 12.19 17.49 -32.04
N ALA A 126 13.00 16.73 -31.31
CA ALA A 126 13.01 16.85 -29.86
C ALA A 126 13.90 18.03 -29.47
N PRO A 127 13.28 19.14 -29.06
CA PRO A 127 14.02 20.35 -28.67
C PRO A 127 15.00 20.20 -27.53
N ARG A 128 14.74 19.21 -26.67
CA ARG A 128 15.57 18.97 -25.50
C ARG A 128 16.64 17.89 -25.65
N CYS A 129 16.82 17.37 -26.86
CA CYS A 129 17.82 16.34 -27.07
C CYS A 129 19.10 16.88 -27.74
N ILE A 130 20.22 16.73 -27.05
CA ILE A 130 21.52 17.20 -27.51
C ILE A 130 22.24 16.19 -28.39
N GLY A 131 21.73 14.97 -28.47
CA GLY A 131 22.39 13.95 -29.27
C GLY A 131 21.74 13.75 -30.61
N ARG A 132 20.96 14.72 -31.06
CA ARG A 132 20.26 14.60 -32.32
C ARG A 132 21.07 14.47 -33.59
N ILE A 133 22.40 14.53 -33.51
CA ILE A 133 23.16 14.37 -34.74
C ILE A 133 23.04 12.91 -35.19
N GLN A 134 22.66 12.05 -34.25
CA GLN A 134 22.49 10.61 -34.48
C GLN A 134 21.08 10.24 -34.97
N TRP A 135 20.20 11.23 -35.08
CA TRP A 135 18.81 11.00 -35.45
C TRP A 135 18.45 9.99 -36.51
N SER A 136 19.22 9.88 -37.59
CA SER A 136 18.87 8.93 -38.62
C SER A 136 19.36 7.52 -38.29
N ASN A 137 20.15 7.41 -37.23
CA ASN A 137 20.68 6.13 -36.82
C ASN A 137 19.84 5.54 -35.68
N LEU A 138 18.69 4.97 -36.02
CA LEU A 138 17.77 4.40 -35.02
C LEU A 138 17.11 3.10 -35.44
N GLN A 139 17.19 2.10 -34.56
CA GLN A 139 16.59 0.79 -34.81
C GLN A 139 15.14 0.85 -34.31
N VAL A 140 14.23 0.33 -35.12
CA VAL A 140 12.82 0.35 -34.77
C VAL A 140 12.18 -1.03 -34.64
N PHE A 141 11.69 -1.33 -33.44
CA PHE A 141 11.02 -2.60 -33.19
C PHE A 141 9.52 -2.36 -33.25
N ASP A 142 8.89 -2.98 -34.25
CA ASP A 142 7.46 -2.86 -34.47
C ASP A 142 6.64 -3.82 -33.63
N ALA A 143 6.05 -3.30 -32.56
CA ALA A 143 5.23 -4.13 -31.69
C ALA A 143 3.76 -3.71 -31.74
N ARG A 144 3.34 -3.11 -32.85
CA ARG A 144 1.96 -2.66 -32.98
C ARG A 144 0.97 -3.81 -32.97
N ASN A 145 1.49 -5.03 -32.96
CA ASN A 145 0.66 -6.24 -32.94
C ASN A 145 0.52 -6.77 -31.52
N CYS A 146 1.28 -6.20 -30.59
CA CYS A 146 1.23 -6.65 -29.20
C CYS A 146 -0.18 -6.58 -28.66
N SER A 147 -0.52 -7.43 -27.70
CA SER A 147 -1.87 -7.42 -27.13
C SER A 147 -1.95 -7.73 -25.64
N THR A 148 -0.85 -8.22 -25.05
CA THR A 148 -0.89 -8.53 -23.63
C THR A 148 0.33 -8.00 -22.88
N ALA A 149 0.20 -7.88 -21.57
CA ALA A 149 1.30 -7.40 -20.75
C ALA A 149 2.53 -8.26 -20.94
N GLN A 150 2.34 -9.57 -20.93
CA GLN A 150 3.44 -10.52 -21.11
C GLN A 150 4.18 -10.30 -22.43
N GLU A 151 3.42 -10.02 -23.49
CA GLU A 151 4.04 -9.78 -24.79
C GLU A 151 4.85 -8.50 -24.73
N MET A 152 4.31 -7.51 -24.02
CA MET A 152 5.00 -6.22 -23.87
C MET A 152 6.34 -6.49 -23.21
N PHE A 153 6.29 -7.26 -22.13
CA PHE A 153 7.48 -7.60 -21.36
C PHE A 153 8.55 -8.25 -22.23
N GLN A 154 8.14 -9.16 -23.12
CA GLN A 154 9.09 -9.82 -24.00
C GLN A 154 9.72 -8.80 -24.94
N HIS A 155 8.88 -7.99 -25.57
CA HIS A 155 9.36 -6.95 -26.50
C HIS A 155 10.36 -6.04 -25.80
N ILE A 156 9.99 -5.58 -24.61
CA ILE A 156 10.85 -4.70 -23.86
C ILE A 156 12.19 -5.38 -23.55
N CYS A 157 12.16 -6.67 -23.20
CA CYS A 157 13.39 -7.37 -22.90
C CYS A 157 14.26 -7.47 -24.15
N ARG A 158 13.64 -7.76 -25.28
CA ARG A 158 14.36 -7.87 -26.55
C ARG A 158 15.03 -6.52 -26.82
N HIS A 159 14.29 -5.45 -26.56
CA HIS A 159 14.79 -4.11 -26.77
C HIS A 159 16.04 -3.87 -25.92
N ILE A 160 15.89 -4.05 -24.60
CA ILE A 160 17.00 -3.86 -23.69
C ILE A 160 18.23 -4.65 -24.11
N LEU A 161 18.04 -5.90 -24.53
CA LEU A 161 19.16 -6.73 -24.93
C LEU A 161 19.81 -6.19 -26.20
N TYR A 162 19.00 -5.88 -27.21
CA TYR A 162 19.53 -5.35 -28.47
C TYR A 162 20.29 -4.04 -28.28
N ALA A 163 19.70 -3.14 -27.50
CA ALA A 163 20.26 -1.84 -27.22
C ALA A 163 21.53 -1.85 -26.38
N THR A 164 21.54 -2.71 -25.35
CA THR A 164 22.70 -2.81 -24.46
C THR A 164 23.92 -3.31 -25.22
N ASN A 165 23.69 -4.31 -26.06
CA ASN A 165 24.74 -4.89 -26.89
C ASN A 165 26.08 -5.01 -26.16
N ASN A 166 26.03 -5.57 -24.95
CA ASN A 166 27.22 -5.78 -24.15
C ASN A 166 28.09 -4.52 -23.99
N GLY A 167 27.44 -3.36 -23.87
CA GLY A 167 28.19 -2.12 -23.70
C GLY A 167 28.33 -1.26 -24.95
N ASN A 168 28.28 -1.88 -26.13
CA ASN A 168 28.37 -1.12 -27.36
C ASN A 168 26.93 -0.71 -27.67
N ILE A 169 26.45 0.27 -26.91
CA ILE A 169 25.08 0.76 -27.03
C ILE A 169 24.59 1.15 -28.42
N ARG A 170 23.34 0.81 -28.69
CA ARG A 170 22.70 1.11 -29.95
C ARG A 170 21.37 1.78 -29.64
N SER A 171 21.04 2.83 -30.41
CA SER A 171 19.79 3.56 -30.20
C SER A 171 18.67 2.73 -30.79
N ALA A 172 17.55 2.67 -30.07
CA ALA A 172 16.42 1.90 -30.54
C ALA A 172 15.11 2.35 -29.93
N ILE A 173 14.01 1.93 -30.56
CA ILE A 173 12.69 2.27 -30.09
C ILE A 173 11.72 1.14 -30.40
N THR A 174 10.81 0.90 -29.46
CA THR A 174 9.81 -0.14 -29.62
C THR A 174 8.46 0.54 -29.61
N VAL A 175 7.72 0.36 -30.68
CA VAL A 175 6.40 0.98 -30.81
C VAL A 175 5.26 -0.03 -30.65
N PHE A 176 4.42 0.21 -29.64
CA PHE A 176 3.29 -0.66 -29.38
C PHE A 176 2.05 -0.09 -30.06
N PRO A 177 0.89 -0.78 -29.96
CA PRO A 177 -0.36 -0.32 -30.59
C PRO A 177 -0.71 1.13 -30.32
N GLN A 178 -1.10 1.84 -31.38
CA GLN A 178 -1.48 3.24 -31.29
C GLN A 178 -2.78 3.34 -30.50
N ARG A 179 -2.96 4.47 -29.82
CA ARG A 179 -4.18 4.69 -29.06
C ARG A 179 -5.35 4.67 -30.03
N SER A 180 -6.37 3.90 -29.71
CA SER A 180 -7.54 3.82 -30.59
C SER A 180 -8.60 4.80 -30.11
N ASP A 181 -9.18 4.51 -28.95
CA ASP A 181 -10.20 5.37 -28.38
C ASP A 181 -9.80 5.93 -27.02
N GLY A 182 -8.54 5.74 -26.65
CA GLY A 182 -8.07 6.25 -25.38
C GLY A 182 -8.51 5.41 -24.21
N LYS A 183 -9.32 4.38 -24.47
CA LYS A 183 -9.79 3.51 -23.42
C LYS A 183 -9.03 2.18 -23.42
N HIS A 184 -8.17 2.01 -24.41
CA HIS A 184 -7.34 0.79 -24.55
C HIS A 184 -5.88 1.17 -24.80
N ASP A 185 -5.34 2.04 -23.95
CA ASP A 185 -3.96 2.48 -24.11
C ASP A 185 -2.92 1.50 -23.58
N PHE A 186 -1.81 1.43 -24.30
CA PHE A 186 -0.68 0.63 -23.88
C PHE A 186 0.19 1.69 -23.21
N ARG A 187 0.59 1.46 -21.97
CA ARG A 187 1.40 2.43 -21.26
C ARG A 187 2.43 1.77 -20.35
N LEU A 188 3.62 2.36 -20.26
CA LEU A 188 4.64 1.87 -19.36
C LEU A 188 4.57 2.90 -18.23
N TRP A 189 4.36 2.42 -17.01
CA TRP A 189 4.23 3.30 -15.87
C TRP A 189 5.57 3.82 -15.35
N ASN A 190 6.66 3.21 -15.82
CA ASN A 190 8.01 3.62 -15.41
C ASN A 190 8.43 4.92 -16.11
N SER A 191 9.43 5.58 -15.53
CA SER A 191 10.02 6.81 -16.09
C SER A 191 10.94 6.35 -17.22
N GLN A 192 11.83 5.43 -16.85
CA GLN A 192 12.82 4.86 -17.76
C GLN A 192 12.74 3.35 -17.64
N LEU A 193 13.18 2.64 -18.67
CA LEU A 193 13.13 1.19 -18.61
C LEU A 193 13.87 0.70 -17.38
N ILE A 194 15.10 1.16 -17.22
CA ILE A 194 15.94 0.78 -16.08
C ILE A 194 16.16 2.00 -15.17
N ARG A 195 15.61 1.91 -13.97
CA ARG A 195 15.67 2.99 -13.00
C ARG A 195 15.92 2.31 -11.64
N TYR A 196 16.55 3.02 -10.71
CA TYR A 196 16.80 2.44 -9.38
C TYR A 196 15.67 2.82 -8.44
N ALA A 197 15.41 1.94 -7.47
CA ALA A 197 14.35 2.18 -6.49
C ALA A 197 14.79 3.17 -5.42
N GLY A 198 13.82 3.86 -4.84
CA GLY A 198 14.09 4.82 -3.78
C GLY A 198 13.22 4.50 -2.58
N TYR A 199 13.84 4.20 -1.44
CA TYR A 199 13.06 3.85 -0.26
C TYR A 199 13.13 4.84 0.89
N GLN A 200 12.02 4.95 1.60
CA GLN A 200 11.90 5.80 2.78
C GLN A 200 12.21 4.88 3.96
N MET A 201 13.43 4.94 4.47
CA MET A 201 13.85 4.09 5.58
C MET A 201 13.17 4.44 6.92
N PRO A 202 13.29 3.53 7.91
CA PRO A 202 12.71 3.76 9.24
C PRO A 202 13.23 5.04 9.87
N ASP A 203 14.55 5.17 9.92
CA ASP A 203 15.20 6.33 10.51
C ASP A 203 15.07 7.63 9.71
N GLY A 204 13.91 7.84 9.10
CA GLY A 204 13.67 9.05 8.33
C GLY A 204 14.52 9.32 7.10
N THR A 205 15.65 8.62 6.98
CA THR A 205 16.52 8.82 5.83
C THR A 205 15.92 8.20 4.57
N ILE A 206 16.47 8.56 3.42
CA ILE A 206 16.03 8.02 2.14
C ILE A 206 17.16 7.17 1.59
N ARG A 207 16.84 5.99 1.08
CA ARG A 207 17.86 5.13 0.52
C ARG A 207 17.62 4.93 -0.96
N GLY A 208 18.70 4.98 -1.75
CA GLY A 208 18.56 4.81 -3.18
C GLY A 208 18.19 6.10 -3.89
N ASP A 209 17.49 5.98 -5.01
CA ASP A 209 17.09 7.12 -5.81
C ASP A 209 15.84 7.84 -5.32
N ALA A 210 16.04 8.85 -4.49
CA ALA A 210 14.93 9.62 -3.95
C ALA A 210 13.93 10.05 -4.99
N ALA A 211 14.35 10.10 -6.25
CA ALA A 211 13.47 10.53 -7.32
C ALA A 211 12.39 9.51 -7.69
N THR A 212 12.57 8.27 -7.29
CA THR A 212 11.57 7.26 -7.63
C THR A 212 10.74 6.79 -6.43
N LEU A 213 10.82 7.53 -5.32
CA LEU A 213 10.08 7.19 -4.10
C LEU A 213 8.62 6.84 -4.33
N GLU A 214 7.87 7.77 -4.91
CA GLU A 214 6.45 7.53 -5.15
C GLU A 214 6.24 6.32 -6.05
N PHE A 215 6.92 6.27 -7.19
CA PHE A 215 6.77 5.15 -8.11
C PHE A 215 7.22 3.85 -7.46
N THR A 216 8.20 3.92 -6.56
CA THR A 216 8.67 2.71 -5.90
C THR A 216 7.54 2.18 -5.02
N GLN A 217 6.97 3.08 -4.23
CA GLN A 217 5.87 2.70 -3.35
C GLN A 217 4.80 2.05 -4.22
N LEU A 218 4.51 2.67 -5.35
CA LEU A 218 3.49 2.16 -6.26
C LEU A 218 3.79 0.74 -6.70
N CYS A 219 5.07 0.45 -6.93
CA CYS A 219 5.45 -0.89 -7.34
C CYS A 219 5.19 -1.84 -6.17
N ILE A 220 5.40 -1.34 -4.96
CA ILE A 220 5.19 -2.14 -3.78
C ILE A 220 3.69 -2.34 -3.59
N ASP A 221 2.92 -1.27 -3.77
CA ASP A 221 1.47 -1.37 -3.64
C ASP A 221 0.90 -2.31 -4.70
N LEU A 222 1.73 -2.75 -5.63
CA LEU A 222 1.27 -3.65 -6.68
C LEU A 222 1.90 -5.02 -6.50
N GLY A 223 2.52 -5.23 -5.35
CA GLY A 223 3.09 -6.54 -5.08
C GLY A 223 4.56 -6.77 -5.33
N TRP A 224 5.32 -5.71 -5.63
CA TRP A 224 6.74 -5.89 -5.86
C TRP A 224 7.45 -5.98 -4.52
N LYS A 225 8.41 -6.90 -4.41
CA LYS A 225 9.14 -7.07 -3.17
C LYS A 225 10.36 -6.16 -3.08
N PRO A 226 10.33 -5.18 -2.16
CA PRO A 226 11.42 -4.21 -1.97
C PRO A 226 12.65 -4.87 -1.36
N ARG A 227 13.79 -4.71 -2.03
CA ARG A 227 15.03 -5.29 -1.54
C ARG A 227 15.79 -4.28 -0.68
N TYR A 228 15.19 -3.10 -0.53
CA TYR A 228 15.77 -2.04 0.29
C TYR A 228 17.26 -1.74 0.06
N GLY A 229 17.68 -1.82 -1.19
CA GLY A 229 19.07 -1.55 -1.52
C GLY A 229 19.28 -0.10 -1.92
N ARG A 230 20.50 0.24 -2.28
CA ARG A 230 20.81 1.61 -2.69
C ARG A 230 20.68 1.68 -4.20
N PHE A 231 20.83 0.51 -4.84
CA PHE A 231 20.75 0.40 -6.29
C PHE A 231 19.88 -0.77 -6.77
N ASP A 232 18.63 -0.83 -6.32
CA ASP A 232 17.76 -1.92 -6.76
C ASP A 232 17.01 -1.52 -8.01
N VAL A 233 17.16 -2.30 -9.07
CA VAL A 233 16.47 -2.02 -10.32
C VAL A 233 14.98 -2.22 -10.16
N LEU A 234 14.20 -1.18 -10.45
CA LEU A 234 12.75 -1.25 -10.34
C LEU A 234 12.17 -2.21 -11.38
N PRO A 235 10.94 -2.70 -11.14
CA PRO A 235 10.29 -3.62 -12.07
C PRO A 235 9.53 -2.88 -13.15
N LEU A 236 9.30 -3.54 -14.28
CA LEU A 236 8.53 -2.93 -15.34
C LEU A 236 7.07 -3.07 -14.90
N VAL A 237 6.34 -1.95 -14.96
CA VAL A 237 4.93 -1.92 -14.60
C VAL A 237 4.22 -1.67 -15.91
N LEU A 238 3.81 -2.74 -16.58
CA LEU A 238 3.18 -2.63 -17.88
C LEU A 238 1.66 -2.67 -17.92
N GLN A 239 1.10 -1.84 -18.80
CA GLN A 239 -0.33 -1.72 -19.02
C GLN A 239 -0.63 -2.02 -20.49
N ALA A 240 -1.42 -3.05 -20.74
CA ALA A 240 -1.76 -3.42 -22.11
C ALA A 240 -3.25 -3.25 -22.41
N ASP A 241 -3.54 -2.80 -23.63
CA ASP A 241 -4.90 -2.58 -24.07
C ASP A 241 -5.83 -2.04 -23.00
N GLY A 242 -5.39 -0.98 -22.32
CA GLY A 242 -6.20 -0.35 -21.29
C GLY A 242 -6.42 -1.07 -19.98
N GLN A 243 -5.88 -2.26 -19.82
CA GLN A 243 -6.09 -3.01 -18.59
C GLN A 243 -5.17 -2.58 -17.46
N ASP A 244 -5.50 -2.98 -16.23
CA ASP A 244 -4.69 -2.63 -15.06
C ASP A 244 -3.26 -3.08 -15.33
N PRO A 245 -2.28 -2.33 -14.82
CA PRO A 245 -0.86 -2.65 -15.00
C PRO A 245 -0.42 -3.93 -14.30
N GLU A 246 0.56 -4.61 -14.90
CA GLU A 246 1.10 -5.83 -14.32
C GLU A 246 2.59 -5.61 -14.09
N VAL A 247 3.08 -6.11 -12.96
CA VAL A 247 4.47 -5.96 -12.60
C VAL A 247 5.35 -7.09 -13.19
N PHE A 248 6.58 -6.74 -13.56
CA PHE A 248 7.52 -7.69 -14.14
C PHE A 248 8.96 -7.30 -13.75
N GLU A 249 9.70 -8.21 -13.14
CA GLU A 249 11.08 -7.92 -12.78
C GLU A 249 11.91 -8.05 -14.04
N ILE A 250 12.96 -7.25 -14.16
CA ILE A 250 13.82 -7.33 -15.33
C ILE A 250 14.89 -8.38 -15.06
N PRO A 251 15.09 -9.32 -15.98
CA PRO A 251 16.12 -10.33 -15.74
C PRO A 251 17.47 -9.63 -15.59
N PRO A 252 18.08 -9.72 -14.40
CA PRO A 252 19.38 -9.10 -14.09
C PRO A 252 20.44 -9.29 -15.15
N ASP A 253 20.38 -10.39 -15.88
CA ASP A 253 21.35 -10.64 -16.94
C ASP A 253 21.28 -9.50 -17.95
N LEU A 254 20.06 -8.98 -18.17
CA LEU A 254 19.84 -7.91 -19.13
C LEU A 254 20.30 -6.53 -18.72
N VAL A 255 20.39 -6.28 -17.42
CA VAL A 255 20.80 -4.98 -16.90
C VAL A 255 22.31 -4.82 -16.70
N LEU A 256 22.94 -4.13 -17.63
CA LEU A 256 24.38 -3.90 -17.57
C LEU A 256 24.66 -2.69 -16.71
N GLU A 257 25.62 -2.81 -15.81
CA GLU A 257 25.97 -1.71 -14.92
C GLU A 257 27.47 -1.39 -14.97
N VAL A 258 27.82 -0.18 -14.58
CA VAL A 258 29.22 0.24 -14.56
C VAL A 258 29.58 0.61 -13.14
N THR A 259 30.61 -0.03 -12.60
CA THR A 259 31.06 0.27 -11.25
C THR A 259 31.93 1.52 -11.31
N MET A 260 31.70 2.45 -10.39
CA MET A 260 32.46 3.69 -10.41
C MET A 260 33.86 3.64 -9.79
N GLU A 261 34.85 4.00 -10.60
CA GLU A 261 36.24 4.04 -10.17
C GLU A 261 36.90 5.33 -10.67
N HIS A 262 37.72 5.93 -9.81
CA HIS A 262 38.42 7.14 -10.20
C HIS A 262 39.82 6.72 -10.63
N PRO A 263 40.33 7.29 -11.73
CA PRO A 263 41.67 6.94 -12.22
C PRO A 263 42.85 7.27 -11.31
N LYS A 264 42.59 7.91 -10.17
CA LYS A 264 43.67 8.26 -9.25
C LYS A 264 43.29 8.05 -7.80
N TYR A 265 42.08 8.44 -7.44
CA TYR A 265 41.61 8.30 -6.06
C TYR A 265 41.09 6.89 -5.83
N GLU A 266 41.97 5.97 -5.45
CA GLU A 266 41.58 4.60 -5.20
C GLU A 266 40.39 4.50 -4.24
N TRP A 267 40.25 5.49 -3.37
CA TRP A 267 39.17 5.51 -2.41
C TRP A 267 37.81 5.78 -3.05
N PHE A 268 37.80 6.12 -4.33
CA PHE A 268 36.54 6.41 -4.99
C PHE A 268 35.62 5.19 -5.03
N GLN A 269 36.21 4.04 -5.30
CA GLN A 269 35.46 2.79 -5.37
C GLN A 269 34.84 2.49 -4.01
N GLU A 270 35.53 2.87 -2.95
CA GLU A 270 35.06 2.65 -1.58
C GLU A 270 33.70 3.28 -1.38
N LEU A 271 33.28 4.10 -2.33
CA LEU A 271 31.97 4.75 -2.25
C LEU A 271 30.91 3.75 -2.69
N GLY A 272 31.36 2.67 -3.32
CA GLY A 272 30.46 1.63 -3.78
C GLY A 272 29.37 2.14 -4.70
N LEU A 273 29.74 2.97 -5.66
CA LEU A 273 28.79 3.54 -6.61
C LEU A 273 28.85 2.82 -7.95
N LYS A 274 27.73 2.85 -8.65
CA LYS A 274 27.60 2.25 -9.96
C LYS A 274 26.36 2.87 -10.61
N TRP A 275 26.18 2.61 -11.90
CA TRP A 275 24.99 3.12 -12.58
C TRP A 275 24.68 2.23 -13.79
N TYR A 276 23.43 2.20 -14.21
CA TYR A 276 23.07 1.38 -15.37
C TYR A 276 23.60 2.03 -16.64
N ALA A 277 23.99 1.21 -17.61
CA ALA A 277 24.53 1.71 -18.86
C ALA A 277 23.47 2.14 -19.87
N LEU A 278 22.24 1.70 -19.67
CA LEU A 278 21.16 1.99 -20.63
C LEU A 278 20.17 3.08 -20.26
N PRO A 279 20.24 4.22 -20.95
CA PRO A 279 19.29 5.30 -20.66
C PRO A 279 18.13 5.12 -21.64
N ALA A 280 16.94 4.90 -21.10
CA ALA A 280 15.78 4.69 -21.95
C ALA A 280 14.54 5.37 -21.38
N VAL A 281 13.93 6.22 -22.19
CA VAL A 281 12.72 6.93 -21.80
C VAL A 281 11.57 5.94 -21.97
N ALA A 282 10.78 5.75 -20.93
CA ALA A 282 9.69 4.77 -20.98
C ALA A 282 8.29 5.28 -21.14
N ASN A 283 8.02 6.49 -20.66
CA ASN A 283 6.67 7.03 -20.65
C ASN A 283 6.27 8.15 -21.60
N MET A 284 6.90 8.27 -22.75
CA MET A 284 6.48 9.36 -23.64
C MET A 284 5.54 8.90 -24.75
N LEU A 285 4.86 9.86 -25.37
CA LEU A 285 3.91 9.56 -26.44
C LEU A 285 4.41 10.07 -27.78
N LEU A 286 4.35 9.21 -28.79
CA LEU A 286 4.78 9.58 -30.14
C LEU A 286 3.59 10.02 -30.97
N GLU A 287 3.56 11.30 -31.33
CA GLU A 287 2.48 11.85 -32.13
C GLU A 287 2.93 11.91 -33.57
N VAL A 288 2.12 11.36 -34.47
CA VAL A 288 2.45 11.36 -35.89
C VAL A 288 1.21 11.24 -36.78
N GLY A 289 1.10 12.16 -37.73
CA GLY A 289 -0.02 12.18 -38.65
C GLY A 289 -1.38 11.93 -38.04
N GLY A 290 -1.66 12.59 -36.92
CA GLY A 290 -2.96 12.42 -36.31
C GLY A 290 -3.05 11.20 -35.41
N LEU A 291 -2.01 10.37 -35.46
CA LEU A 291 -1.98 9.17 -34.62
C LEU A 291 -1.18 9.43 -33.35
N GLU A 292 -1.51 8.71 -32.29
CA GLU A 292 -0.82 8.85 -31.02
C GLU A 292 -0.39 7.48 -30.51
N PHE A 293 0.88 7.34 -30.14
CA PHE A 293 1.38 6.09 -29.60
C PHE A 293 1.78 6.33 -28.14
N PRO A 294 0.89 5.99 -27.19
CA PRO A 294 1.13 6.17 -25.76
C PRO A 294 2.25 5.32 -25.17
N ALA A 295 2.79 4.40 -25.96
CA ALA A 295 3.86 3.53 -25.48
C ALA A 295 4.86 3.31 -26.59
N CYS A 296 6.06 3.81 -26.38
CA CYS A 296 7.12 3.72 -27.37
C CYS A 296 8.48 3.96 -26.73
N PRO A 297 8.84 3.14 -25.74
CA PRO A 297 10.14 3.31 -25.07
C PRO A 297 11.27 3.40 -26.07
N PHE A 298 12.18 4.35 -25.85
CA PHE A 298 13.31 4.50 -26.74
C PHE A 298 14.58 4.77 -25.94
N ASN A 299 15.71 4.54 -26.58
CA ASN A 299 16.98 4.75 -25.90
C ASN A 299 18.09 5.22 -26.85
N GLY A 300 19.10 5.84 -26.26
CA GLY A 300 20.27 6.28 -26.98
C GLY A 300 21.35 5.88 -26.00
N TRP A 301 22.39 6.69 -25.86
CA TRP A 301 23.42 6.38 -24.87
C TRP A 301 23.58 7.58 -23.96
N TYR A 302 24.32 7.40 -22.88
CA TYR A 302 24.54 8.44 -21.88
C TYR A 302 25.55 9.54 -22.20
N MET A 303 25.32 10.71 -21.60
CA MET A 303 26.24 11.82 -21.69
C MET A 303 26.67 11.91 -20.22
N GLY A 304 27.98 11.77 -20.00
CA GLY A 304 28.54 11.78 -18.66
C GLY A 304 27.91 12.58 -17.53
N THR A 305 27.64 13.85 -17.80
CA THR A 305 27.07 14.74 -16.79
C THR A 305 25.70 14.31 -16.24
N GLU A 306 24.94 13.54 -17.00
CA GLU A 306 23.63 13.08 -16.54
C GLU A 306 23.82 12.29 -15.25
N ILE A 307 24.83 11.43 -15.28
CA ILE A 307 25.17 10.57 -14.16
C ILE A 307 26.05 11.27 -13.13
N GLY A 308 27.22 11.72 -13.56
CA GLY A 308 28.14 12.37 -12.65
C GLY A 308 27.65 13.64 -12.00
N VAL A 309 26.81 14.40 -12.68
CA VAL A 309 26.34 15.66 -12.12
C VAL A 309 24.92 15.61 -11.58
N ARG A 310 23.97 15.23 -12.41
CA ARG A 310 22.58 15.16 -11.98
C ARG A 310 22.31 13.99 -11.03
N ASP A 311 22.40 12.76 -11.55
CA ASP A 311 22.13 11.59 -10.73
C ASP A 311 22.90 11.51 -9.42
N PHE A 312 24.20 11.81 -9.47
CA PHE A 312 25.04 11.75 -8.27
C PHE A 312 25.07 13.00 -7.42
N CYS A 313 25.08 14.17 -8.04
CA CYS A 313 25.18 15.40 -7.24
C CYS A 313 23.91 16.18 -6.95
N ASP A 314 22.81 15.91 -7.65
CA ASP A 314 21.58 16.64 -7.34
C ASP A 314 21.27 16.36 -5.87
N THR A 315 20.86 17.37 -5.11
CA THR A 315 20.56 17.09 -3.72
C THR A 315 19.35 16.16 -3.66
N GLN A 316 18.46 16.28 -4.64
CA GLN A 316 17.26 15.44 -4.70
C GLN A 316 17.50 14.06 -5.30
N ARG A 317 18.77 13.70 -5.48
CA ARG A 317 19.12 12.39 -6.01
C ARG A 317 20.08 11.74 -5.01
N TYR A 318 21.12 11.09 -5.51
CA TYR A 318 22.05 10.44 -4.61
C TYR A 318 22.88 11.37 -3.75
N ASN A 319 22.79 12.67 -4.01
CA ASN A 319 23.47 13.71 -3.23
C ASN A 319 24.82 13.34 -2.60
N ILE A 320 25.78 12.91 -3.42
CA ILE A 320 27.08 12.50 -2.91
C ILE A 320 28.21 13.56 -2.93
N LEU A 321 27.89 14.80 -3.32
CA LEU A 321 28.92 15.83 -3.44
C LEU A 321 29.79 16.12 -2.21
N GLU A 322 29.17 16.41 -1.09
CA GLU A 322 29.95 16.72 0.12
C GLU A 322 30.88 15.58 0.51
N GLU A 323 30.39 14.35 0.47
CA GLU A 323 31.20 13.21 0.81
C GLU A 323 32.45 13.12 -0.06
N VAL A 324 32.29 13.37 -1.36
CA VAL A 324 33.45 13.30 -2.25
C VAL A 324 34.37 14.47 -1.92
N GLY A 325 33.78 15.55 -1.44
CA GLY A 325 34.58 16.70 -1.08
C GLY A 325 35.53 16.28 0.04
N ARG A 326 34.94 15.87 1.16
CA ARG A 326 35.69 15.43 2.33
C ARG A 326 36.83 14.48 2.00
N ARG A 327 36.52 13.44 1.22
CA ARG A 327 37.53 12.46 0.83
C ARG A 327 38.64 13.10 0.03
N MET A 328 38.36 14.28 -0.53
CA MET A 328 39.36 14.99 -1.31
C MET A 328 40.06 15.95 -0.36
N GLY A 329 39.51 16.03 0.86
CA GLY A 329 40.06 16.90 1.88
C GLY A 329 39.97 18.36 1.50
N LEU A 330 38.77 18.78 1.08
CA LEU A 330 38.56 20.16 0.67
C LEU A 330 37.83 20.94 1.76
N GLU A 331 37.86 22.27 1.65
CA GLU A 331 37.19 23.14 2.62
C GLU A 331 35.69 23.11 2.34
N THR A 332 35.07 21.97 2.58
CA THR A 332 33.65 21.79 2.33
C THR A 332 32.73 22.64 3.19
N HIS A 333 33.30 23.52 4.00
CA HIS A 333 32.50 24.40 4.85
C HIS A 333 32.60 25.85 4.40
N THR A 334 33.36 26.06 3.33
CA THR A 334 33.54 27.39 2.77
C THR A 334 33.20 27.34 1.29
N LEU A 335 31.99 27.79 0.95
CA LEU A 335 31.52 27.81 -0.43
C LEU A 335 32.48 28.52 -1.35
N ALA A 336 32.96 29.68 -0.89
CA ALA A 336 33.87 30.49 -1.68
C ALA A 336 35.18 29.79 -2.04
N SER A 337 35.38 28.57 -1.55
CA SER A 337 36.60 27.83 -1.85
C SER A 337 36.44 27.10 -3.18
N LEU A 338 35.20 27.04 -3.66
CA LEU A 338 34.89 26.36 -4.91
C LEU A 338 35.13 24.86 -4.83
N TRP A 339 35.03 24.30 -3.63
CA TRP A 339 35.25 22.87 -3.44
C TRP A 339 34.24 22.08 -4.25
N LYS A 340 32.99 22.51 -4.23
CA LYS A 340 31.96 21.82 -4.98
C LYS A 340 32.39 21.69 -6.43
N ASP A 341 33.02 22.74 -6.95
CA ASP A 341 33.49 22.73 -8.32
C ASP A 341 34.60 21.72 -8.49
N ARG A 342 35.44 21.60 -7.48
CA ARG A 342 36.55 20.65 -7.56
C ARG A 342 36.05 19.22 -7.53
N ALA A 343 35.11 18.93 -6.63
CA ALA A 343 34.54 17.61 -6.48
C ALA A 343 33.78 17.13 -7.74
N VAL A 344 32.76 17.89 -8.13
CA VAL A 344 31.97 17.49 -9.29
C VAL A 344 32.81 17.12 -10.50
N THR A 345 33.98 17.74 -10.64
CA THR A 345 34.83 17.42 -11.79
C THR A 345 35.42 16.03 -11.66
N GLU A 346 35.90 15.69 -10.46
CA GLU A 346 36.48 14.37 -10.23
C GLU A 346 35.41 13.29 -10.45
N ILE A 347 34.21 13.55 -9.93
CA ILE A 347 33.11 12.61 -10.12
C ILE A 347 32.87 12.43 -11.63
N ASN A 348 32.85 13.53 -12.37
CA ASN A 348 32.64 13.45 -13.81
C ASN A 348 33.73 12.61 -14.45
N VAL A 349 34.97 12.79 -14.00
CA VAL A 349 36.08 12.03 -14.55
C VAL A 349 35.92 10.56 -14.16
N ALA A 350 35.39 10.33 -12.96
CA ALA A 350 35.18 8.97 -12.49
C ALA A 350 34.24 8.26 -13.46
N VAL A 351 33.05 8.85 -13.62
CA VAL A 351 32.03 8.31 -14.51
C VAL A 351 32.58 7.98 -15.88
N LEU A 352 33.21 8.96 -16.52
CA LEU A 352 33.77 8.76 -17.85
C LEU A 352 34.84 7.67 -17.82
N HIS A 353 35.72 7.74 -16.83
CA HIS A 353 36.78 6.75 -16.69
C HIS A 353 36.18 5.35 -16.58
N SER A 354 35.27 5.18 -15.62
CA SER A 354 34.61 3.89 -15.41
C SER A 354 33.90 3.34 -16.65
N PHE A 355 33.15 4.17 -17.36
CA PHE A 355 32.45 3.71 -18.56
C PHE A 355 33.44 3.30 -19.64
N GLN A 356 34.55 4.03 -19.75
CA GLN A 356 35.57 3.74 -20.75
C GLN A 356 36.29 2.42 -20.45
N LYS A 357 36.72 2.26 -19.19
CA LYS A 357 37.42 1.06 -18.77
C LYS A 357 36.57 -0.19 -18.89
N GLN A 358 35.24 -0.04 -18.77
CA GLN A 358 34.35 -1.18 -18.87
C GLN A 358 33.72 -1.32 -20.24
N ASN A 359 34.31 -0.61 -21.21
CA ASN A 359 33.87 -0.61 -22.61
C ASN A 359 32.40 -0.29 -22.87
N VAL A 360 31.85 0.60 -22.05
CA VAL A 360 30.46 1.01 -22.19
C VAL A 360 30.38 2.42 -22.81
N THR A 361 29.66 2.51 -23.93
CA THR A 361 29.51 3.77 -24.63
C THR A 361 29.08 4.93 -23.74
N ILE A 362 29.72 6.08 -23.96
CA ILE A 362 29.41 7.28 -23.22
C ILE A 362 30.05 8.45 -23.94
N MET A 363 29.50 9.64 -23.73
CA MET A 363 30.02 10.84 -24.38
C MET A 363 30.16 11.94 -23.35
N ASP A 364 31.32 12.59 -23.32
CA ASP A 364 31.54 13.68 -22.38
C ASP A 364 30.72 14.86 -22.90
N HIS A 365 30.36 15.78 -22.02
CA HIS A 365 29.54 16.91 -22.42
C HIS A 365 30.18 17.92 -23.41
N HIS A 366 31.49 18.08 -23.37
CA HIS A 366 32.14 19.00 -24.29
C HIS A 366 32.00 18.47 -25.71
N THR A 367 32.25 17.17 -25.88
CA THR A 367 32.15 16.54 -27.19
C THR A 367 30.71 16.55 -27.69
N ALA A 368 29.75 16.34 -26.79
CA ALA A 368 28.33 16.31 -27.15
C ALA A 368 27.91 17.68 -27.68
N SER A 369 28.34 18.73 -26.98
CA SER A 369 28.01 20.08 -27.37
C SER A 369 28.52 20.40 -28.78
N GLU A 370 29.78 20.10 -29.06
CA GLU A 370 30.33 20.37 -30.37
C GLU A 370 29.49 19.62 -31.39
N SER A 371 29.20 18.37 -31.05
CA SER A 371 28.40 17.52 -31.91
C SER A 371 27.05 18.15 -32.22
N PHE A 372 26.42 18.71 -31.20
CA PHE A 372 25.12 19.31 -31.43
C PHE A 372 25.22 20.54 -32.33
N MET A 373 26.28 21.33 -32.14
CA MET A 373 26.48 22.52 -32.96
C MET A 373 26.62 22.14 -34.42
N LYS A 374 27.33 21.05 -34.70
CA LYS A 374 27.49 20.61 -36.07
C LYS A 374 26.11 20.21 -36.61
N HIS A 375 25.33 19.55 -35.76
CA HIS A 375 24.00 19.11 -36.13
C HIS A 375 23.09 20.29 -36.46
N MET A 376 23.00 21.24 -35.55
CA MET A 376 22.17 22.42 -35.74
C MET A 376 22.57 23.09 -37.05
N GLN A 377 23.88 23.24 -37.22
CA GLN A 377 24.44 23.83 -38.41
C GLN A 377 23.90 23.09 -39.64
N ASN A 378 23.95 21.76 -39.62
CA ASN A 378 23.45 20.97 -40.74
C ASN A 378 21.95 21.14 -40.92
N GLU A 379 21.23 21.25 -39.81
CA GLU A 379 19.77 21.39 -39.85
C GLU A 379 19.29 22.66 -40.52
N TYR A 380 20.01 23.76 -40.32
CA TYR A 380 19.62 25.00 -40.96
C TYR A 380 19.85 24.92 -42.47
N ARG A 381 20.95 24.29 -42.88
CA ARG A 381 21.22 24.13 -44.30
C ARG A 381 20.15 23.19 -44.87
N ALA A 382 19.93 22.07 -44.18
CA ALA A 382 18.95 21.07 -44.60
C ALA A 382 17.51 21.59 -44.65
N ARG A 383 17.07 22.25 -43.59
CA ARG A 383 15.71 22.75 -43.58
C ARG A 383 15.50 24.08 -42.88
N GLY A 384 16.56 24.88 -42.82
CA GLY A 384 16.46 26.18 -42.21
C GLY A 384 15.81 26.23 -40.84
N GLY A 385 16.30 25.43 -39.91
CA GLY A 385 15.73 25.43 -38.58
C GLY A 385 16.09 24.21 -37.76
N CYS A 386 15.92 24.34 -36.45
CA CYS A 386 16.19 23.26 -35.52
C CYS A 386 15.60 23.62 -34.18
N PRO A 387 14.44 23.04 -33.85
CA PRO A 387 13.84 23.36 -32.56
C PRO A 387 14.85 23.01 -31.46
N ALA A 388 15.18 23.97 -30.60
CA ALA A 388 16.16 23.73 -29.57
C ALA A 388 15.82 24.45 -28.28
N ASP A 389 15.84 23.73 -27.17
CA ASP A 389 15.53 24.32 -25.86
C ASP A 389 16.85 24.55 -25.11
N TRP A 390 17.39 25.75 -25.28
CA TRP A 390 18.65 26.15 -24.67
C TRP A 390 18.79 25.60 -23.25
N ILE A 391 17.74 25.77 -22.46
CA ILE A 391 17.72 25.33 -21.07
C ILE A 391 18.02 23.84 -20.85
N TRP A 392 17.69 23.02 -21.83
CA TRP A 392 17.97 21.61 -21.69
C TRP A 392 19.26 21.22 -22.42
N LEU A 393 19.58 21.93 -23.49
CA LEU A 393 20.76 21.60 -24.27
C LEU A 393 22.07 22.02 -23.63
N VAL A 394 22.06 23.04 -22.79
CA VAL A 394 23.30 23.46 -22.14
C VAL A 394 23.61 22.54 -20.95
N PRO A 395 24.74 21.80 -21.03
CA PRO A 395 25.14 20.87 -19.95
C PRO A 395 25.01 21.51 -18.58
N PRO A 396 24.76 20.68 -17.54
CA PRO A 396 24.60 21.10 -16.15
C PRO A 396 25.87 21.65 -15.48
N VAL A 397 26.99 21.59 -16.19
CA VAL A 397 28.25 22.17 -15.70
C VAL A 397 29.02 22.68 -16.89
N SER A 398 29.95 23.59 -16.65
CA SER A 398 30.80 24.13 -17.71
C SER A 398 30.02 24.88 -18.79
N GLY A 399 28.86 25.43 -18.43
CA GLY A 399 28.02 26.16 -19.36
C GLY A 399 28.68 26.89 -20.52
N SER A 400 29.22 28.07 -20.24
CA SER A 400 29.85 28.85 -21.30
C SER A 400 31.12 28.24 -21.86
N ILE A 401 31.62 27.19 -21.24
CA ILE A 401 32.82 26.52 -21.74
C ILE A 401 32.38 25.72 -22.97
N THR A 402 31.08 25.45 -23.08
CA THR A 402 30.59 24.71 -24.24
C THR A 402 30.08 25.69 -25.29
N PRO A 403 30.16 25.32 -26.57
CA PRO A 403 29.70 26.21 -27.65
C PRO A 403 28.20 26.43 -27.65
N VAL A 404 27.45 25.43 -27.19
CA VAL A 404 25.99 25.51 -27.15
C VAL A 404 25.48 26.72 -26.35
N PHE A 405 26.24 27.11 -25.34
CA PHE A 405 25.86 28.23 -24.49
C PHE A 405 25.76 29.56 -25.26
N HIS A 406 26.63 29.76 -26.23
CA HIS A 406 26.66 31.01 -26.98
C HIS A 406 25.76 31.02 -28.20
N GLN A 407 24.96 29.98 -28.34
CA GLN A 407 24.05 29.87 -29.47
C GLN A 407 22.61 30.25 -29.14
N GLU A 408 22.09 31.30 -29.77
CA GLU A 408 20.70 31.67 -29.52
C GLU A 408 19.89 30.58 -30.20
N MET A 409 18.73 30.24 -29.62
CA MET A 409 17.90 29.16 -30.18
C MET A 409 16.41 29.43 -30.16
N LEU A 410 15.71 28.75 -31.05
CA LEU A 410 14.26 28.85 -31.15
C LEU A 410 13.67 27.51 -30.73
N ASN A 411 12.74 27.57 -29.79
CA ASN A 411 12.10 26.36 -29.28
C ASN A 411 10.66 26.31 -29.77
N TYR A 412 10.33 25.30 -30.57
CA TYR A 412 8.97 25.17 -31.08
C TYR A 412 8.62 23.69 -31.30
N VAL A 413 7.33 23.39 -31.25
CA VAL A 413 6.84 22.03 -31.40
C VAL A 413 6.34 21.66 -32.79
N LEU A 414 7.08 20.82 -33.49
CA LEU A 414 6.71 20.38 -34.82
C LEU A 414 5.96 19.06 -34.66
N SER A 415 5.89 18.28 -35.73
CA SER A 415 5.23 16.98 -35.73
C SER A 415 5.84 16.21 -36.89
N PRO A 416 6.18 14.93 -36.70
CA PRO A 416 6.05 14.12 -35.48
C PRO A 416 6.74 14.73 -34.25
N PHE A 417 6.34 14.28 -33.07
CA PHE A 417 6.90 14.81 -31.83
C PHE A 417 6.76 13.81 -30.68
N TYR A 418 7.62 13.97 -29.66
CA TYR A 418 7.57 13.12 -28.48
C TYR A 418 7.04 13.98 -27.34
N TYR A 419 5.82 13.69 -26.92
CA TYR A 419 5.20 14.45 -25.84
C TYR A 419 5.29 13.72 -24.52
N TYR A 420 5.06 14.47 -23.44
CA TYR A 420 5.03 13.86 -22.13
C TYR A 420 3.57 13.42 -21.99
N GLN A 421 3.24 12.75 -20.89
CA GLN A 421 1.87 12.30 -20.67
C GLN A 421 1.54 12.45 -19.19
N ILE A 422 0.25 12.59 -18.88
CA ILE A 422 -0.14 12.69 -17.48
C ILE A 422 0.26 11.36 -16.86
N GLU A 423 0.80 11.40 -15.65
CA GLU A 423 1.19 10.16 -14.96
C GLU A 423 -0.03 9.24 -15.07
N PRO A 424 0.15 8.03 -15.64
CA PRO A 424 -0.93 7.07 -15.80
C PRO A 424 -1.77 6.75 -14.55
N TRP A 425 -1.12 6.67 -13.39
CA TRP A 425 -1.82 6.34 -12.16
C TRP A 425 -2.74 7.44 -11.65
N LYS A 426 -2.74 8.58 -12.33
CA LYS A 426 -3.57 9.69 -11.92
C LYS A 426 -4.87 9.74 -12.71
N THR A 427 -4.90 9.08 -13.86
CA THR A 427 -6.08 9.10 -14.71
C THR A 427 -6.65 7.71 -14.95
N HIS A 428 -5.87 6.69 -14.61
CA HIS A 428 -6.29 5.32 -14.81
C HIS A 428 -7.58 4.93 -14.11
N ILE A 429 -8.45 4.26 -14.84
CA ILE A 429 -9.70 3.78 -14.30
C ILE A 429 -9.44 2.32 -13.96
N TRP A 430 -9.20 2.04 -12.68
CA TRP A 430 -8.91 0.68 -12.27
C TRP A 430 -10.08 -0.27 -12.46
N GLN A 431 -9.79 -1.56 -12.40
CA GLN A 431 -10.82 -2.57 -12.58
C GLN A 431 -10.94 -3.44 -11.33
N ASN A 432 -9.85 -3.59 -10.60
CA ASN A 432 -9.84 -4.40 -9.38
C ASN A 432 -8.74 -3.92 -8.42
N GLN B 12 -36.46 -34.02 30.22
CA GLN B 12 -35.99 -33.27 29.02
C GLN B 12 -34.71 -32.48 29.34
N TYR B 13 -33.72 -33.17 29.91
CA TYR B 13 -32.46 -32.53 30.26
C TYR B 13 -31.27 -33.36 29.82
N VAL B 14 -30.12 -32.71 29.65
CA VAL B 14 -28.91 -33.43 29.29
C VAL B 14 -28.13 -33.58 30.58
N ARG B 15 -27.65 -34.78 30.84
CA ARG B 15 -26.90 -35.08 32.05
C ARG B 15 -25.42 -34.72 31.84
N ILE B 16 -24.91 -33.86 32.72
CA ILE B 16 -23.53 -33.40 32.67
C ILE B 16 -22.80 -33.86 33.93
N LYS B 17 -21.54 -34.23 33.81
CA LYS B 17 -20.80 -34.67 34.99
C LYS B 17 -19.43 -34.03 35.14
N ASN B 18 -19.04 -33.83 36.40
CA ASN B 18 -17.75 -33.27 36.76
C ASN B 18 -16.97 -34.41 37.40
N TRP B 19 -16.02 -34.95 36.66
CA TRP B 19 -15.24 -36.08 37.13
C TRP B 19 -14.33 -35.81 38.32
N GLY B 20 -14.26 -34.56 38.75
CA GLY B 20 -13.42 -34.25 39.88
C GLY B 20 -14.20 -34.46 41.17
N SER B 21 -15.46 -34.05 41.16
CA SER B 21 -16.30 -34.14 42.35
C SER B 21 -17.40 -35.18 42.22
N GLY B 22 -17.60 -35.71 41.01
CA GLY B 22 -18.65 -36.70 40.83
C GLY B 22 -20.01 -36.04 40.72
N GLU B 23 -20.05 -34.72 40.89
CA GLU B 23 -21.29 -33.95 40.81
C GLU B 23 -22.00 -34.09 39.47
N ILE B 24 -23.33 -34.02 39.50
CA ILE B 24 -24.13 -34.13 38.30
C ILE B 24 -25.01 -32.90 38.15
N LEU B 25 -25.18 -32.46 36.91
CA LEU B 25 -26.01 -31.29 36.63
C LEU B 25 -26.93 -31.66 35.48
N HIS B 26 -28.06 -30.97 35.38
CA HIS B 26 -29.03 -31.23 34.33
C HIS B 26 -29.23 -29.98 33.50
N ASP B 27 -28.80 -30.01 32.25
CA ASP B 27 -28.95 -28.83 31.41
C ASP B 27 -30.28 -28.81 30.69
N THR B 28 -31.09 -27.78 30.97
CA THR B 28 -32.38 -27.63 30.30
C THR B 28 -32.33 -26.38 29.44
N LEU B 29 -31.43 -25.47 29.82
CA LEU B 29 -31.26 -24.21 29.13
C LEU B 29 -30.95 -24.36 27.65
N HIS B 30 -30.30 -25.45 27.26
CA HIS B 30 -29.96 -25.64 25.85
C HIS B 30 -31.20 -25.62 24.95
N HIS B 31 -32.36 -25.88 25.51
CA HIS B 31 -33.58 -25.87 24.71
C HIS B 31 -33.90 -24.48 24.17
N LYS B 32 -33.27 -23.47 24.77
CA LYS B 32 -33.49 -22.08 24.37
C LYS B 32 -32.54 -21.66 23.24
N ALA B 33 -31.79 -22.61 22.72
CA ALA B 33 -30.84 -22.32 21.65
C ALA B 33 -31.47 -22.33 20.27
N THR B 34 -32.57 -21.60 20.08
CA THR B 34 -33.25 -21.54 18.78
C THR B 34 -32.33 -21.03 17.69
N SER B 35 -31.12 -21.59 17.64
CA SER B 35 -30.12 -21.20 16.67
C SER B 35 -29.43 -22.44 16.12
N ASP B 36 -28.66 -22.27 15.05
CA ASP B 36 -27.93 -23.37 14.43
C ASP B 36 -26.56 -23.45 15.11
N PHE B 37 -25.78 -24.49 14.80
CA PHE B 37 -24.47 -24.61 15.44
C PHE B 37 -23.42 -25.35 14.60
N THR B 38 -22.16 -25.27 15.04
CA THR B 38 -21.02 -25.89 14.36
C THR B 38 -21.18 -27.35 13.91
N CYS B 39 -21.22 -28.26 14.87
CA CYS B 39 -21.35 -29.70 14.60
C CYS B 39 -22.63 -30.03 13.84
N LYS B 40 -22.61 -31.16 13.13
CA LYS B 40 -23.79 -31.59 12.38
C LYS B 40 -24.34 -32.91 12.93
N SER B 41 -24.59 -33.86 12.03
CA SER B 41 -25.14 -35.17 12.40
C SER B 41 -23.99 -36.18 12.60
N LYS B 42 -23.02 -36.12 11.71
CA LYS B 42 -21.84 -36.99 11.76
C LYS B 42 -20.66 -36.04 11.72
N SER B 43 -19.80 -36.10 12.74
CA SER B 43 -18.63 -35.22 12.84
C SER B 43 -18.90 -34.03 13.77
N CYS B 44 -17.86 -33.63 14.51
CA CYS B 44 -17.94 -32.50 15.42
C CYS B 44 -16.89 -31.48 15.01
N LEU B 45 -17.32 -30.22 14.90
CA LEU B 45 -16.42 -29.12 14.54
C LEU B 45 -16.16 -28.26 15.75
N GLY B 46 -15.95 -28.89 16.91
CA GLY B 46 -15.72 -28.15 18.14
C GLY B 46 -14.43 -27.37 18.26
N SER B 47 -13.37 -27.85 17.64
CA SER B 47 -12.08 -27.18 17.71
C SER B 47 -11.88 -26.07 16.67
N ILE B 48 -12.84 -25.88 15.78
CA ILE B 48 -12.74 -24.83 14.76
C ILE B 48 -12.87 -23.47 15.46
N MET B 49 -11.93 -22.57 15.20
CA MET B 49 -11.94 -21.27 15.85
C MET B 49 -13.02 -20.30 15.38
N ASN B 50 -13.16 -20.16 14.07
CA ASN B 50 -14.14 -19.24 13.50
C ASN B 50 -15.19 -19.93 12.64
N PRO B 51 -16.04 -20.76 13.24
CA PRO B 51 -17.09 -21.45 12.48
C PRO B 51 -18.15 -20.45 12.05
N LYS B 52 -18.98 -20.82 11.09
CA LYS B 52 -20.04 -19.92 10.64
C LYS B 52 -21.09 -19.72 11.72
N SER B 53 -21.37 -20.75 12.50
CA SER B 53 -22.37 -20.64 13.54
C SER B 53 -22.09 -19.55 14.57
N LEU B 54 -20.86 -19.05 14.61
CA LEU B 54 -20.50 -18.00 15.56
C LEU B 54 -20.23 -16.68 14.85
N THR B 55 -20.53 -16.63 13.56
CA THR B 55 -20.30 -15.42 12.79
C THR B 55 -21.61 -14.83 12.28
N ARG B 56 -21.79 -13.53 12.45
CA ARG B 56 -22.98 -12.86 11.98
C ARG B 56 -22.44 -11.90 10.92
N GLY B 57 -22.64 -12.26 9.66
CA GLY B 57 -22.14 -11.46 8.56
C GLY B 57 -22.91 -10.21 8.21
N PRO B 58 -22.49 -9.50 7.15
CA PRO B 58 -23.12 -8.26 6.68
C PRO B 58 -24.45 -8.43 5.93
N ARG B 59 -25.12 -7.29 5.70
CA ARG B 59 -26.39 -7.26 4.98
C ARG B 59 -26.40 -6.06 4.03
N ASP B 60 -27.54 -5.83 3.40
CA ASP B 60 -27.74 -4.70 2.48
C ASP B 60 -29.23 -4.47 2.33
N LYS B 61 -29.99 -5.22 3.11
CA LYS B 61 -31.44 -5.14 3.14
C LYS B 61 -31.83 -5.39 4.59
N PRO B 62 -32.60 -4.48 5.19
CA PRO B 62 -33.01 -4.63 6.58
C PRO B 62 -33.48 -6.05 6.90
N THR B 63 -33.30 -6.49 8.14
CA THR B 63 -33.73 -7.82 8.50
C THR B 63 -35.21 -8.00 8.20
N PRO B 64 -35.59 -9.13 7.59
CA PRO B 64 -36.98 -9.43 7.26
C PRO B 64 -37.89 -9.49 8.48
N LEU B 65 -39.09 -8.94 8.33
CA LEU B 65 -40.09 -8.89 9.39
C LEU B 65 -40.35 -10.26 10.01
N GLU B 66 -40.74 -11.20 9.16
CA GLU B 66 -41.03 -12.58 9.59
C GLU B 66 -39.95 -13.10 10.53
N GLU B 67 -38.73 -12.61 10.30
CA GLU B 67 -37.56 -12.99 11.07
C GLU B 67 -37.37 -12.12 12.31
N LEU B 68 -37.30 -10.80 12.09
CA LEU B 68 -37.09 -9.84 13.16
C LEU B 68 -38.13 -9.84 14.27
N LEU B 69 -39.38 -9.62 13.90
CA LEU B 69 -40.47 -9.59 14.87
C LEU B 69 -40.50 -10.71 15.91
N PRO B 70 -40.37 -11.97 15.49
CA PRO B 70 -40.41 -13.05 16.49
C PRO B 70 -39.30 -12.94 17.54
N HIS B 71 -38.12 -12.52 17.09
CA HIS B 71 -36.96 -12.34 17.97
C HIS B 71 -37.18 -11.20 18.96
N ALA B 72 -37.65 -10.07 18.45
CA ALA B 72 -37.92 -8.90 19.28
C ALA B 72 -38.86 -9.27 20.42
N ILE B 73 -39.93 -10.00 20.10
CA ILE B 73 -40.88 -10.38 21.12
C ILE B 73 -40.23 -11.29 22.16
N GLU B 74 -39.39 -12.20 21.71
CA GLU B 74 -38.71 -13.13 22.61
C GLU B 74 -37.81 -12.35 23.57
N PHE B 75 -37.09 -11.36 23.04
CA PHE B 75 -36.22 -10.55 23.88
C PHE B 75 -37.01 -9.74 24.90
N ILE B 76 -38.03 -9.04 24.41
CA ILE B 76 -38.89 -8.24 25.27
C ILE B 76 -39.41 -9.09 26.41
N ASN B 77 -39.82 -10.33 26.13
CA ASN B 77 -40.31 -11.21 27.17
C ASN B 77 -39.21 -11.65 28.11
N GLN B 78 -38.02 -11.82 27.55
CA GLN B 78 -36.85 -12.23 28.32
C GLN B 78 -36.53 -11.13 29.29
N TYR B 79 -36.61 -9.90 28.79
CA TYR B 79 -36.33 -8.71 29.57
C TYR B 79 -37.28 -8.54 30.75
N TYR B 80 -38.58 -8.61 30.47
CA TYR B 80 -39.59 -8.47 31.50
C TYR B 80 -39.63 -9.65 32.45
N GLY B 81 -39.19 -10.80 31.99
CA GLY B 81 -39.19 -11.97 32.84
C GLY B 81 -38.07 -11.96 33.86
N SER B 82 -37.13 -11.03 33.70
CA SER B 82 -35.99 -10.94 34.62
C SER B 82 -36.27 -10.11 35.86
N PHE B 83 -37.32 -9.29 35.81
CA PHE B 83 -37.67 -8.47 36.96
C PHE B 83 -38.08 -9.38 38.11
N LYS B 84 -37.56 -9.12 39.31
CA LYS B 84 -37.91 -9.92 40.47
C LYS B 84 -39.34 -9.56 40.86
N GLU B 85 -39.79 -8.42 40.33
CA GLU B 85 -41.15 -7.92 40.56
C GLU B 85 -41.81 -7.73 39.21
N ALA B 86 -42.57 -8.71 38.77
CA ALA B 86 -43.24 -8.64 37.48
C ALA B 86 -43.99 -7.31 37.27
N LYS B 87 -44.07 -6.90 36.02
CA LYS B 87 -44.76 -5.66 35.63
C LYS B 87 -45.52 -6.01 34.35
N ILE B 88 -46.50 -6.89 34.50
CA ILE B 88 -47.32 -7.36 33.39
C ILE B 88 -47.83 -6.27 32.47
N GLU B 89 -48.34 -5.20 33.03
CA GLU B 89 -48.87 -4.11 32.23
C GLU B 89 -47.86 -3.46 31.30
N GLU B 90 -46.69 -3.11 31.84
CA GLU B 90 -45.63 -2.48 31.03
C GLU B 90 -45.11 -3.49 30.04
N HIS B 91 -45.07 -4.74 30.49
CA HIS B 91 -44.61 -5.85 29.67
C HIS B 91 -45.48 -5.91 28.41
N LEU B 92 -46.80 -6.06 28.59
CA LEU B 92 -47.72 -6.13 27.46
C LEU B 92 -47.63 -4.83 26.67
N ALA B 93 -47.67 -3.71 27.39
CA ALA B 93 -47.60 -2.41 26.76
C ALA B 93 -46.39 -2.35 25.83
N ARG B 94 -45.24 -2.76 26.35
CA ARG B 94 -43.99 -2.75 25.58
C ARG B 94 -44.09 -3.73 24.41
N LEU B 95 -44.65 -4.91 24.67
CA LEU B 95 -44.81 -5.90 23.61
C LEU B 95 -45.58 -5.29 22.45
N GLU B 96 -46.65 -4.57 22.76
CA GLU B 96 -47.46 -3.95 21.73
C GLU B 96 -46.68 -2.91 20.96
N ALA B 97 -46.08 -1.96 21.68
CA ALA B 97 -45.29 -0.91 21.07
C ALA B 97 -44.24 -1.45 20.10
N VAL B 98 -43.33 -2.30 20.61
CA VAL B 98 -42.28 -2.87 19.77
C VAL B 98 -42.91 -3.50 18.52
N THR B 99 -43.98 -4.25 18.73
CA THR B 99 -44.69 -4.91 17.65
C THR B 99 -45.14 -3.91 16.59
N LYS B 100 -45.85 -2.88 17.03
CA LYS B 100 -46.36 -1.87 16.13
C LYS B 100 -45.23 -1.12 15.43
N GLU B 101 -44.20 -0.76 16.19
CA GLU B 101 -43.07 -0.04 15.63
C GLU B 101 -42.45 -0.87 14.50
N ILE B 102 -42.18 -2.14 14.79
CA ILE B 102 -41.59 -3.03 13.80
C ILE B 102 -42.44 -3.12 12.54
N GLU B 103 -43.72 -3.47 12.69
CA GLU B 103 -44.63 -3.59 11.55
C GLU B 103 -44.76 -2.29 10.75
N THR B 104 -44.60 -1.14 11.42
CA THR B 104 -44.72 0.14 10.73
C THR B 104 -43.42 0.71 10.18
N THR B 105 -42.32 0.56 10.92
CA THR B 105 -41.04 1.09 10.47
C THR B 105 -40.12 0.02 9.91
N GLY B 106 -40.39 -1.23 10.27
CA GLY B 106 -39.57 -2.33 9.78
C GLY B 106 -38.43 -2.67 10.73
N THR B 107 -38.34 -1.93 11.83
CA THR B 107 -37.31 -2.15 12.83
C THR B 107 -37.74 -1.45 14.11
N TYR B 108 -36.86 -1.40 15.10
CA TYR B 108 -37.21 -0.74 16.34
C TYR B 108 -36.00 -0.32 17.15
N GLN B 109 -36.26 0.41 18.22
CA GLN B 109 -35.21 0.90 19.09
C GLN B 109 -35.37 0.31 20.47
N LEU B 110 -34.25 0.02 21.11
CA LEU B 110 -34.28 -0.52 22.47
C LEU B 110 -34.23 0.64 23.44
N THR B 111 -34.78 0.46 24.64
CA THR B 111 -34.71 1.52 25.63
C THR B 111 -33.30 1.39 26.20
N LEU B 112 -32.87 2.34 27.02
CA LEU B 112 -31.53 2.24 27.59
C LEU B 112 -31.45 1.03 28.51
N ASP B 113 -32.48 0.84 29.32
CA ASP B 113 -32.54 -0.28 30.25
C ASP B 113 -32.46 -1.64 29.57
N GLU B 114 -33.16 -1.80 28.46
CA GLU B 114 -33.13 -3.06 27.75
C GLU B 114 -31.71 -3.30 27.20
N LEU B 115 -31.10 -2.25 26.65
CA LEU B 115 -29.74 -2.34 26.11
C LEU B 115 -28.78 -2.83 27.18
N ILE B 116 -28.79 -2.16 28.32
CA ILE B 116 -27.92 -2.53 29.43
C ILE B 116 -28.10 -4.02 29.72
N PHE B 117 -29.35 -4.44 29.83
CA PHE B 117 -29.69 -5.83 30.10
C PHE B 117 -29.16 -6.73 28.98
N ALA B 118 -29.31 -6.29 27.73
CA ALA B 118 -28.83 -7.06 26.59
C ALA B 118 -27.32 -7.28 26.60
N THR B 119 -26.55 -6.23 26.89
CA THR B 119 -25.09 -6.36 26.91
C THR B 119 -24.61 -7.33 27.98
N LYS B 120 -25.23 -7.30 29.15
CA LYS B 120 -24.85 -8.21 30.23
C LYS B 120 -25.29 -9.63 29.93
N MET B 121 -26.48 -9.81 29.37
CA MET B 121 -26.95 -11.15 29.04
C MET B 121 -26.03 -11.74 27.97
N ALA B 122 -25.68 -10.91 26.99
CA ALA B 122 -24.79 -11.34 25.92
C ALA B 122 -23.49 -11.85 26.49
N TRP B 123 -22.99 -11.16 27.51
CA TRP B 123 -21.75 -11.57 28.14
C TRP B 123 -22.04 -12.88 28.86
N ARG B 124 -23.15 -12.89 29.59
CA ARG B 124 -23.55 -14.08 30.33
C ARG B 124 -23.67 -15.28 29.38
N ASN B 125 -24.02 -15.04 28.12
CA ASN B 125 -24.16 -16.12 27.13
C ASN B 125 -22.93 -16.38 26.26
N ALA B 126 -21.77 -15.84 26.64
CA ALA B 126 -20.54 -16.03 25.85
C ALA B 126 -19.88 -17.35 26.27
N PRO B 127 -20.06 -18.41 25.47
CA PRO B 127 -19.50 -19.73 25.75
C PRO B 127 -18.00 -19.80 25.93
N ARG B 128 -17.29 -18.81 25.40
CA ARG B 128 -15.84 -18.83 25.47
C ARG B 128 -15.20 -17.95 26.53
N CYS B 129 -16.03 -17.29 27.34
CA CYS B 129 -15.52 -16.42 28.39
C CYS B 129 -15.45 -17.12 29.75
N ILE B 130 -14.28 -17.08 30.37
CA ILE B 130 -14.07 -17.71 31.66
C ILE B 130 -14.30 -16.77 32.84
N GLY B 131 -14.46 -15.48 32.57
CA GLY B 131 -14.66 -14.53 33.65
C GLY B 131 -16.10 -14.13 33.83
N ARG B 132 -17.01 -14.95 33.33
CA ARG B 132 -18.43 -14.63 33.41
C ARG B 132 -19.10 -14.47 34.76
N ILE B 133 -18.39 -14.77 35.84
CA ILE B 133 -19.04 -14.59 37.14
C ILE B 133 -19.28 -13.09 37.37
N GLN B 134 -18.62 -12.27 36.56
CA GLN B 134 -18.72 -10.82 36.63
C GLN B 134 -19.77 -10.24 35.68
N TRP B 135 -20.42 -11.12 34.92
CA TRP B 135 -21.39 -10.72 33.90
C TRP B 135 -22.33 -9.55 34.17
N SER B 136 -22.77 -9.34 35.41
CA SER B 136 -23.67 -8.24 35.66
C SER B 136 -22.95 -6.96 36.12
N ASN B 137 -21.63 -7.05 36.28
CA ASN B 137 -20.82 -5.91 36.70
C ASN B 137 -20.21 -5.29 35.44
N LEU B 138 -21.03 -4.56 34.71
CA LEU B 138 -20.59 -3.95 33.46
C LEU B 138 -21.08 -2.53 33.22
N GLN B 139 -20.14 -1.64 32.92
CA GLN B 139 -20.46 -0.26 32.65
C GLN B 139 -20.83 -0.17 31.17
N VAL B 140 -21.96 0.46 30.88
CA VAL B 140 -22.44 0.59 29.50
C VAL B 140 -22.44 2.05 29.04
N PHE B 141 -21.82 2.28 27.89
CA PHE B 141 -21.79 3.63 27.31
C PHE B 141 -22.67 3.60 26.06
N ASP B 142 -23.75 4.38 26.10
CA ASP B 142 -24.70 4.46 25.00
C ASP B 142 -24.27 5.50 23.97
N ALA B 143 -23.68 5.04 22.86
CA ALA B 143 -23.25 5.93 21.79
C ALA B 143 -24.09 5.68 20.55
N ARG B 144 -25.34 5.29 20.75
CA ARG B 144 -26.22 5.01 19.63
C ARG B 144 -26.58 6.29 18.87
N ASN B 145 -26.22 7.42 19.46
CA ASN B 145 -26.47 8.74 18.90
C ASN B 145 -25.27 9.20 18.06
N CYS B 146 -24.18 8.44 18.12
CA CYS B 146 -22.97 8.78 17.39
C CYS B 146 -23.25 8.82 15.90
N SER B 147 -22.52 9.67 15.17
CA SER B 147 -22.72 9.78 13.73
C SER B 147 -21.45 9.98 12.92
N THR B 148 -20.34 10.29 13.58
CA THR B 148 -19.09 10.48 12.85
C THR B 148 -17.91 9.71 13.43
N ALA B 149 -16.90 9.48 12.60
CA ALA B 149 -15.70 8.78 13.02
C ALA B 149 -15.08 9.52 14.20
N GLN B 150 -14.98 10.85 14.07
CA GLN B 150 -14.41 11.68 15.13
C GLN B 150 -15.18 11.49 16.44
N GLU B 151 -16.47 11.20 16.35
CA GLU B 151 -17.28 10.97 17.54
C GLU B 151 -17.00 9.60 18.14
N MET B 152 -16.78 8.62 17.27
CA MET B 152 -16.48 7.25 17.70
C MET B 152 -15.17 7.32 18.47
N PHE B 153 -14.17 7.90 17.83
CA PHE B 153 -12.85 8.05 18.42
C PHE B 153 -12.95 8.63 19.83
N GLN B 154 -13.84 9.60 20.00
CA GLN B 154 -14.02 10.23 21.29
C GLN B 154 -14.68 9.29 22.29
N HIS B 155 -15.63 8.50 21.82
CA HIS B 155 -16.30 7.56 22.70
C HIS B 155 -15.33 6.46 23.12
N ILE B 156 -14.51 6.04 22.17
CA ILE B 156 -13.53 5.01 22.43
C ILE B 156 -12.47 5.49 23.39
N CYS B 157 -12.06 6.75 23.26
CA CYS B 157 -11.06 7.29 24.19
C CYS B 157 -11.67 7.31 25.59
N ARG B 158 -12.93 7.75 25.66
CA ARG B 158 -13.68 7.82 26.93
C ARG B 158 -13.69 6.42 27.57
N HIS B 159 -14.01 5.42 26.77
CA HIS B 159 -14.06 4.04 27.22
C HIS B 159 -12.72 3.62 27.81
N ILE B 160 -11.67 3.73 27.01
CA ILE B 160 -10.33 3.35 27.46
C ILE B 160 -9.98 4.03 28.78
N LEU B 161 -10.21 5.34 28.87
CA LEU B 161 -9.90 6.06 30.07
C LEU B 161 -10.68 5.48 31.25
N TYR B 162 -11.99 5.36 31.07
CA TYR B 162 -12.83 4.82 32.13
C TYR B 162 -12.43 3.42 32.58
N ALA B 163 -12.22 2.55 31.58
CA ALA B 163 -11.88 1.17 31.85
C ALA B 163 -10.51 0.94 32.46
N THR B 164 -9.51 1.69 32.01
CA THR B 164 -8.15 1.56 32.51
C THR B 164 -8.09 1.96 33.98
N ASN B 165 -8.78 3.04 34.30
CA ASN B 165 -8.88 3.54 35.67
C ASN B 165 -7.57 3.45 36.46
N ASN B 166 -6.47 3.81 35.81
CA ASN B 166 -5.15 3.83 36.44
C ASN B 166 -4.68 2.47 36.96
N GLY B 167 -5.12 1.39 36.31
CA GLY B 167 -4.71 0.07 36.75
C GLY B 167 -5.80 -0.74 37.42
N ASN B 168 -6.75 -0.06 38.04
CA ASN B 168 -7.88 -0.72 38.71
C ASN B 168 -8.95 -0.93 37.65
N ILE B 169 -8.65 -1.81 36.69
CA ILE B 169 -9.52 -2.11 35.56
C ILE B 169 -11.00 -2.27 35.87
N ARG B 170 -11.81 -1.74 34.96
CA ARG B 170 -13.26 -1.81 35.09
C ARG B 170 -13.85 -2.32 33.77
N SER B 171 -14.75 -3.29 33.86
CA SER B 171 -15.37 -3.86 32.66
C SER B 171 -16.36 -2.85 32.08
N ALA B 172 -16.29 -2.66 30.77
CA ALA B 172 -17.18 -1.72 30.11
C ALA B 172 -17.42 -2.06 28.65
N ILE B 173 -18.48 -1.47 28.10
CA ILE B 173 -18.81 -1.66 26.70
C ILE B 173 -19.42 -0.38 26.16
N THR B 174 -19.10 -0.06 24.91
CA THR B 174 -19.64 1.12 24.26
C THR B 174 -20.43 0.63 23.04
N VAL B 175 -21.72 0.93 23.05
CA VAL B 175 -22.60 0.50 21.96
C VAL B 175 -22.82 1.60 20.92
N PHE B 176 -22.45 1.32 19.68
CA PHE B 176 -22.65 2.30 18.62
C PHE B 176 -23.95 1.98 17.88
N PRO B 177 -24.40 2.89 16.99
CA PRO B 177 -25.62 2.70 16.22
C PRO B 177 -25.83 1.30 15.66
N GLN B 178 -27.02 0.76 15.90
CA GLN B 178 -27.38 -0.56 15.40
C GLN B 178 -27.44 -0.58 13.88
N ARG B 179 -27.17 -1.75 13.31
CA ARG B 179 -27.22 -1.90 11.87
C ARG B 179 -28.65 -1.65 11.40
N SER B 180 -28.77 -0.85 10.35
CA SER B 180 -30.08 -0.53 9.79
C SER B 180 -30.31 -1.31 8.50
N ASP B 181 -29.69 -0.86 7.42
CA ASP B 181 -29.83 -1.51 6.13
C ASP B 181 -28.58 -2.27 5.73
N GLY B 182 -27.54 -2.21 6.56
CA GLY B 182 -26.32 -2.93 6.25
C GLY B 182 -25.35 -2.21 5.34
N LYS B 183 -25.72 -1.00 4.91
CA LYS B 183 -24.85 -0.22 4.03
C LYS B 183 -24.34 0.99 4.78
N HIS B 184 -24.75 1.12 6.03
CA HIS B 184 -24.34 2.25 6.87
C HIS B 184 -23.75 1.77 8.20
N ASP B 185 -23.22 0.55 8.21
CA ASP B 185 -22.66 -0.03 9.42
C ASP B 185 -21.51 0.72 10.07
N PHE B 186 -21.49 0.70 11.41
CA PHE B 186 -20.39 1.28 12.14
C PHE B 186 -19.52 0.05 12.40
N ARG B 187 -18.21 0.22 12.30
CA ARG B 187 -17.30 -0.88 12.52
C ARG B 187 -15.97 -0.35 13.00
N LEU B 188 -15.27 -1.17 13.77
CA LEU B 188 -13.92 -0.83 14.24
C LEU B 188 -13.16 -1.89 13.47
N TRP B 189 -12.13 -1.49 12.75
CA TRP B 189 -11.38 -2.47 11.97
C TRP B 189 -10.33 -3.20 12.81
N ASN B 190 -10.09 -2.70 14.02
CA ASN B 190 -9.11 -3.32 14.91
C ASN B 190 -9.65 -4.62 15.51
N SER B 191 -8.74 -5.43 16.02
CA SER B 191 -9.05 -6.69 16.70
C SER B 191 -9.45 -6.33 18.12
N GLN B 192 -8.58 -5.55 18.76
CA GLN B 192 -8.74 -5.10 20.13
C GLN B 192 -8.48 -3.61 20.09
N LEU B 193 -8.98 -2.87 21.06
CA LEU B 193 -8.74 -1.43 21.06
C LEU B 193 -7.23 -1.17 21.05
N ILE B 194 -6.52 -1.73 22.02
CA ILE B 194 -5.06 -1.61 22.14
C ILE B 194 -4.43 -2.90 21.62
N ARG B 195 -3.51 -2.78 20.67
CA ARG B 195 -2.88 -3.96 20.09
C ARG B 195 -1.50 -3.49 19.60
N TYR B 196 -0.56 -4.42 19.42
CA TYR B 196 0.77 -4.03 18.94
C TYR B 196 0.95 -4.35 17.46
N ALA B 197 1.65 -3.45 16.76
CA ALA B 197 1.91 -3.62 15.34
C ALA B 197 2.88 -4.75 15.05
N GLY B 198 2.73 -5.35 13.86
CA GLY B 198 3.60 -6.43 13.44
C GLY B 198 4.17 -6.09 12.07
N TYR B 199 5.47 -5.83 11.99
CA TYR B 199 6.08 -5.48 10.71
C TYR B 199 7.06 -6.52 10.20
N GLN B 200 6.93 -6.88 8.93
CA GLN B 200 7.88 -7.81 8.33
C GLN B 200 9.10 -6.95 7.97
N MET B 201 10.29 -7.40 8.34
CA MET B 201 11.48 -6.63 8.08
C MET B 201 12.13 -6.96 6.73
N PRO B 202 13.14 -6.18 6.33
CA PRO B 202 13.82 -6.43 5.06
C PRO B 202 14.47 -7.82 5.13
N ASP B 203 15.19 -8.04 6.24
CA ASP B 203 15.88 -9.30 6.48
C ASP B 203 14.98 -10.51 6.69
N GLY B 204 13.69 -10.36 6.38
CA GLY B 204 12.76 -11.46 6.53
C GLY B 204 12.23 -11.69 7.93
N THR B 205 12.93 -11.14 8.93
CA THR B 205 12.52 -11.32 10.31
C THR B 205 11.27 -10.49 10.59
N ILE B 206 10.43 -11.00 11.47
CA ILE B 206 9.21 -10.31 11.86
C ILE B 206 9.49 -9.54 13.14
N ARG B 207 8.95 -8.32 13.23
CA ARG B 207 9.14 -7.53 14.43
C ARG B 207 7.79 -7.18 15.04
N GLY B 208 7.71 -7.25 16.36
CA GLY B 208 6.46 -6.95 17.03
C GLY B 208 5.56 -8.17 17.04
N ASP B 209 4.26 -7.94 16.93
CA ASP B 209 3.27 -9.00 16.96
C ASP B 209 2.89 -9.56 15.60
N ALA B 210 3.48 -10.68 15.21
CA ALA B 210 3.21 -11.31 13.93
C ALA B 210 1.73 -11.54 13.66
N ALA B 211 0.93 -11.52 14.71
CA ALA B 211 -0.50 -11.75 14.59
C ALA B 211 -1.23 -10.61 13.88
N THR B 212 -0.67 -9.40 13.99
CA THR B 212 -1.28 -8.23 13.37
C THR B 212 -0.53 -7.74 12.13
N LEU B 213 0.12 -8.65 11.41
CA LEU B 213 0.87 -8.26 10.21
C LEU B 213 0.00 -7.63 9.14
N GLU B 214 -1.02 -8.36 8.70
CA GLU B 214 -1.93 -7.87 7.68
C GLU B 214 -2.58 -6.54 8.09
N PHE B 215 -3.21 -6.52 9.26
CA PHE B 215 -3.87 -5.29 9.72
C PHE B 215 -2.90 -4.15 9.92
N THR B 216 -1.65 -4.45 10.27
CA THR B 216 -0.67 -3.40 10.45
C THR B 216 -0.39 -2.79 9.08
N GLN B 217 -0.41 -3.65 8.07
CA GLN B 217 -0.18 -3.20 6.71
C GLN B 217 -1.35 -2.31 6.31
N LEU B 218 -2.55 -2.73 6.66
CA LEU B 218 -3.75 -1.97 6.34
C LEU B 218 -3.70 -0.57 6.93
N CYS B 219 -3.15 -0.46 8.13
CA CYS B 219 -3.04 0.84 8.79
C CYS B 219 -2.03 1.70 8.06
N ILE B 220 -0.93 1.08 7.64
CA ILE B 220 0.12 1.79 6.93
C ILE B 220 -0.43 2.27 5.59
N ASP B 221 -1.20 1.42 4.92
CA ASP B 221 -1.78 1.81 3.64
C ASP B 221 -2.71 3.00 3.83
N LEU B 222 -3.56 2.93 4.84
CA LEU B 222 -4.50 4.01 5.10
C LEU B 222 -3.76 5.26 5.57
N GLY B 223 -2.43 5.22 5.56
CA GLY B 223 -1.67 6.39 5.96
C GLY B 223 -1.01 6.45 7.32
N TRP B 224 -1.15 5.40 8.12
CA TRP B 224 -0.53 5.40 9.44
C TRP B 224 0.98 5.33 9.26
N LYS B 225 1.73 6.01 10.12
CA LYS B 225 3.19 6.01 10.04
C LYS B 225 3.82 4.90 10.88
N PRO B 226 4.35 3.85 10.24
CA PRO B 226 4.98 2.74 10.94
C PRO B 226 6.26 3.12 11.67
N ARG B 227 6.27 2.93 12.99
CA ARG B 227 7.43 3.26 13.81
C ARG B 227 8.39 2.08 13.94
N TYR B 228 8.16 1.06 13.12
CA TYR B 228 8.98 -0.15 13.10
C TYR B 228 9.52 -0.62 14.46
N GLY B 229 8.68 -0.51 15.49
CA GLY B 229 9.07 -0.92 16.83
C GLY B 229 8.66 -2.34 17.19
N ARG B 230 8.92 -2.72 18.44
CA ARG B 230 8.59 -4.06 18.91
C ARG B 230 7.24 -4.03 19.63
N PHE B 231 6.94 -2.88 20.22
CA PHE B 231 5.70 -2.68 20.95
C PHE B 231 5.05 -1.34 20.57
N ASP B 232 4.70 -1.21 19.29
CA ASP B 232 4.06 0.01 18.81
C ASP B 232 2.55 -0.15 18.78
N VAL B 233 1.86 0.68 19.55
CA VAL B 233 0.40 0.63 19.61
C VAL B 233 -0.19 0.99 18.26
N LEU B 234 -1.02 0.11 17.71
CA LEU B 234 -1.66 0.34 16.42
C LEU B 234 -2.69 1.46 16.54
N PRO B 235 -3.01 2.13 15.42
CA PRO B 235 -3.98 3.20 15.45
C PRO B 235 -5.40 2.63 15.39
N LEU B 236 -6.37 3.42 15.84
CA LEU B 236 -7.76 2.99 15.78
C LEU B 236 -8.21 3.29 14.34
N VAL B 237 -8.75 2.28 13.66
CA VAL B 237 -9.24 2.45 12.30
C VAL B 237 -10.76 2.41 12.45
N LEU B 238 -11.39 3.57 12.36
CA LEU B 238 -12.84 3.65 12.56
C LEU B 238 -13.69 3.97 11.34
N GLN B 239 -14.76 3.19 11.20
CA GLN B 239 -15.73 3.34 10.11
C GLN B 239 -17.07 3.72 10.70
N ALA B 240 -17.59 4.88 10.29
CA ALA B 240 -18.88 5.35 10.78
C ALA B 240 -19.91 5.44 9.67
N ASP B 241 -21.13 5.00 9.97
CA ASP B 241 -22.21 5.07 8.99
C ASP B 241 -21.73 4.59 7.61
N GLY B 242 -21.34 3.33 7.52
CA GLY B 242 -20.88 2.76 6.26
C GLY B 242 -19.78 3.49 5.52
N GLN B 243 -19.32 4.61 6.06
CA GLN B 243 -18.26 5.39 5.41
C GLN B 243 -16.92 4.64 5.35
N ASP B 244 -15.96 5.25 4.66
CA ASP B 244 -14.64 4.69 4.53
C ASP B 244 -13.97 4.93 5.86
N PRO B 245 -13.18 3.95 6.34
CA PRO B 245 -12.50 4.07 7.63
C PRO B 245 -11.47 5.18 7.75
N GLU B 246 -11.43 5.78 8.94
CA GLU B 246 -10.49 6.84 9.24
C GLU B 246 -9.52 6.33 10.31
N VAL B 247 -8.27 6.74 10.20
CA VAL B 247 -7.22 6.33 11.12
C VAL B 247 -7.03 7.32 12.26
N PHE B 248 -6.99 6.81 13.49
CA PHE B 248 -6.80 7.65 14.66
C PHE B 248 -5.73 7.08 15.60
N GLU B 249 -4.76 7.90 15.96
CA GLU B 249 -3.73 7.46 16.87
C GLU B 249 -4.36 7.52 18.25
N ILE B 250 -4.01 6.57 19.11
CA ILE B 250 -4.57 6.57 20.44
C ILE B 250 -3.71 7.41 21.36
N PRO B 251 -4.30 8.43 21.99
CA PRO B 251 -3.51 9.28 22.89
C PRO B 251 -2.71 8.41 23.87
N PRO B 252 -1.37 8.42 23.75
CA PRO B 252 -0.45 7.65 24.59
C PRO B 252 -0.71 7.71 26.08
N ASP B 253 -1.31 8.80 26.54
CA ASP B 253 -1.60 8.94 27.97
C ASP B 253 -2.70 7.98 28.37
N LEU B 254 -3.46 7.49 27.38
CA LEU B 254 -4.56 6.58 27.66
C LEU B 254 -4.15 5.12 27.60
N VAL B 255 -2.94 4.84 27.14
CA VAL B 255 -2.46 3.47 27.04
C VAL B 255 -1.53 3.10 28.21
N LEU B 256 -2.06 2.33 29.16
CA LEU B 256 -1.29 1.92 30.33
C LEU B 256 -0.57 0.63 30.02
N GLU B 257 0.71 0.58 30.36
CA GLU B 257 1.48 -0.63 30.11
C GLU B 257 2.16 -1.17 31.33
N VAL B 258 2.53 -2.44 31.26
CA VAL B 258 3.20 -3.12 32.36
C VAL B 258 4.53 -3.63 31.82
N THR B 259 5.62 -3.25 32.47
CA THR B 259 6.94 -3.71 32.05
C THR B 259 7.22 -5.03 32.77
N MET B 260 7.68 -6.02 32.02
CA MET B 260 7.92 -7.34 32.57
C MET B 260 9.20 -7.55 33.39
N GLU B 261 9.01 -8.00 34.63
CA GLU B 261 10.10 -8.30 35.55
C GLU B 261 9.81 -9.63 36.23
N HIS B 262 10.86 -10.31 36.68
CA HIS B 262 10.69 -11.57 37.38
C HIS B 262 11.14 -11.32 38.82
N PRO B 263 10.42 -11.88 39.80
CA PRO B 263 10.77 -11.69 41.20
C PRO B 263 12.08 -12.33 41.66
N LYS B 264 12.76 -13.04 40.77
CA LYS B 264 14.03 -13.67 41.12
C LYS B 264 15.07 -13.43 40.04
N TYR B 265 14.67 -13.59 38.79
CA TYR B 265 15.57 -13.40 37.66
C TYR B 265 15.67 -11.95 37.24
N GLU B 266 16.80 -11.32 37.53
CA GLU B 266 17.02 -9.93 37.17
C GLU B 266 17.21 -9.78 35.67
N TRP B 267 17.62 -10.86 35.01
CA TRP B 267 17.84 -10.81 33.58
C TRP B 267 16.53 -10.80 32.82
N PHE B 268 15.41 -10.98 33.52
CA PHE B 268 14.13 -10.98 32.84
C PHE B 268 13.82 -9.58 32.33
N GLN B 269 14.11 -8.59 33.18
CA GLN B 269 13.91 -7.19 32.83
C GLN B 269 14.68 -6.88 31.55
N GLU B 270 15.89 -7.44 31.44
CA GLU B 270 16.73 -7.21 30.27
C GLU B 270 16.07 -7.62 28.97
N LEU B 271 15.03 -8.44 29.05
CA LEU B 271 14.34 -8.90 27.85
C LEU B 271 13.59 -7.74 27.19
N GLY B 272 13.31 -6.71 27.97
CA GLY B 272 12.62 -5.55 27.45
C GLY B 272 11.20 -5.84 27.01
N LEU B 273 10.51 -6.68 27.77
CA LEU B 273 9.15 -7.06 27.46
C LEU B 273 8.15 -6.25 28.27
N LYS B 274 6.99 -6.02 27.67
CA LYS B 274 5.91 -5.30 28.32
C LYS B 274 4.61 -5.63 27.59
N TRP B 275 3.48 -5.30 28.21
CA TRP B 275 2.20 -5.54 27.57
C TRP B 275 1.19 -4.52 28.09
N TYR B 276 0.13 -4.30 27.32
CA TYR B 276 -0.89 -3.34 27.73
C TYR B 276 -1.81 -3.97 28.78
N ALA B 277 -2.27 -3.15 29.71
CA ALA B 277 -3.15 -3.60 30.78
C ALA B 277 -4.62 -3.73 30.40
N LEU B 278 -5.01 -3.18 29.27
CA LEU B 278 -6.41 -3.22 28.86
C LEU B 278 -6.74 -4.17 27.73
N PRO B 279 -7.41 -5.29 28.06
CA PRO B 279 -7.82 -6.28 27.06
C PRO B 279 -9.24 -5.89 26.63
N ALA B 280 -9.38 -5.50 25.37
CA ALA B 280 -10.66 -5.06 24.88
C ALA B 280 -10.91 -5.54 23.47
N VAL B 281 -12.02 -6.24 23.27
CA VAL B 281 -12.40 -6.76 21.96
C VAL B 281 -13.03 -5.61 21.22
N ALA B 282 -12.61 -5.40 19.97
CA ALA B 282 -13.15 -4.28 19.22
C ALA B 282 -14.02 -4.61 18.02
N ASN B 283 -13.95 -5.86 17.55
CA ASN B 283 -14.67 -6.22 16.34
C ASN B 283 -15.81 -7.22 16.37
N MET B 284 -16.46 -7.40 17.50
CA MET B 284 -17.55 -8.35 17.53
C MET B 284 -18.90 -7.65 17.36
N LEU B 285 -19.92 -8.43 17.07
CA LEU B 285 -21.25 -7.89 16.86
C LEU B 285 -22.21 -8.33 17.95
N LEU B 286 -22.98 -7.38 18.46
CA LEU B 286 -23.97 -7.68 19.48
C LEU B 286 -25.34 -7.88 18.82
N GLU B 287 -25.90 -9.05 18.99
CA GLU B 287 -27.21 -9.36 18.45
C GLU B 287 -28.17 -9.43 19.63
N VAL B 288 -29.27 -8.70 19.54
CA VAL B 288 -30.26 -8.71 20.59
C VAL B 288 -31.63 -8.54 19.96
N GLY B 289 -32.54 -9.47 20.27
CA GLY B 289 -33.89 -9.40 19.72
C GLY B 289 -33.94 -9.06 18.25
N GLY B 290 -33.09 -9.69 17.45
CA GLY B 290 -33.10 -9.42 16.03
C GLY B 290 -32.25 -8.25 15.60
N LEU B 291 -32.00 -7.34 16.54
CA LEU B 291 -31.17 -6.18 16.24
C LEU B 291 -29.70 -6.60 16.18
N GLU B 292 -28.91 -5.84 15.45
CA GLU B 292 -27.48 -6.14 15.31
C GLU B 292 -26.64 -4.88 15.44
N PHE B 293 -25.68 -4.91 16.35
CA PHE B 293 -24.78 -3.77 16.55
C PHE B 293 -23.39 -4.25 16.14
N PRO B 294 -22.96 -3.87 14.93
CA PRO B 294 -21.66 -4.24 14.36
C PRO B 294 -20.47 -3.61 15.05
N ALA B 295 -20.72 -2.63 15.90
CA ALA B 295 -19.65 -1.94 16.62
C ALA B 295 -20.05 -1.77 18.08
N CYS B 296 -19.38 -2.52 18.95
CA CYS B 296 -19.66 -2.49 20.38
C CYS B 296 -18.43 -2.99 21.15
N PRO B 297 -17.34 -2.22 21.13
CA PRO B 297 -16.13 -2.65 21.84
C PRO B 297 -16.38 -2.84 23.34
N PHE B 298 -15.79 -3.89 23.89
CA PHE B 298 -15.95 -4.16 25.32
C PHE B 298 -14.64 -4.67 25.93
N ASN B 299 -14.54 -4.53 27.24
CA ASN B 299 -13.35 -5.00 27.94
C ASN B 299 -13.65 -5.52 29.33
N GLY B 300 -12.70 -6.30 29.83
CA GLY B 300 -12.75 -6.83 31.18
C GLY B 300 -11.30 -6.68 31.58
N TRP B 301 -10.72 -7.71 32.20
CA TRP B 301 -9.31 -7.64 32.55
C TRP B 301 -8.66 -8.95 32.17
N TYR B 302 -7.34 -8.99 32.29
CA TYR B 302 -6.56 -10.15 31.89
C TYR B 302 -6.46 -11.36 32.82
N MET B 303 -6.17 -12.50 32.21
CA MET B 303 -5.92 -13.72 32.94
C MET B 303 -4.46 -13.94 32.51
N GLY B 304 -3.57 -14.03 33.50
CA GLY B 304 -2.15 -14.18 33.22
C GLY B 304 -1.72 -14.93 31.98
N THR B 305 -2.22 -16.14 31.83
CA THR B 305 -1.87 -16.99 30.71
C THR B 305 -2.06 -16.34 29.33
N GLU B 306 -2.97 -15.39 29.22
CA GLU B 306 -3.21 -14.74 27.93
C GLU B 306 -1.92 -14.09 27.45
N ILE B 307 -1.27 -13.38 28.36
CA ILE B 307 -0.02 -12.71 28.07
C ILE B 307 1.13 -13.68 28.22
N GLY B 308 1.33 -14.15 29.44
CA GLY B 308 2.43 -15.06 29.69
C GLY B 308 2.57 -16.25 28.75
N VAL B 309 1.45 -16.89 28.41
CA VAL B 309 1.51 -18.08 27.56
C VAL B 309 1.28 -17.90 26.07
N ARG B 310 0.13 -17.36 25.70
CA ARG B 310 -0.19 -17.18 24.29
C ARG B 310 0.56 -16.05 23.62
N ASP B 311 0.39 -14.83 24.15
CA ASP B 311 1.05 -13.66 23.60
C ASP B 311 2.56 -13.79 23.53
N PHE B 312 3.19 -14.17 24.64
CA PHE B 312 4.64 -14.32 24.69
C PHE B 312 5.20 -15.62 24.14
N CYS B 313 4.52 -16.75 24.35
CA CYS B 313 5.08 -18.03 23.87
C CYS B 313 4.50 -18.68 22.63
N ASP B 314 3.33 -18.25 22.15
CA ASP B 314 2.81 -18.84 20.92
C ASP B 314 3.92 -18.66 19.86
N THR B 315 4.22 -19.69 19.06
CA THR B 315 5.27 -19.49 18.07
C THR B 315 4.82 -18.46 17.05
N GLN B 316 3.50 -18.29 16.88
CA GLN B 316 2.99 -17.31 15.92
C GLN B 316 2.81 -15.92 16.52
N ARG B 317 3.31 -15.72 17.74
CA ARG B 317 3.22 -14.41 18.38
C ARG B 317 4.64 -13.96 18.69
N TYR B 318 4.93 -13.62 19.95
CA TYR B 318 6.26 -13.15 20.34
C TYR B 318 7.35 -14.23 20.48
N ASN B 319 6.93 -15.48 20.41
CA ASN B 319 7.83 -16.64 20.46
C ASN B 319 9.13 -16.51 21.25
N ILE B 320 9.04 -16.05 22.48
CA ILE B 320 10.21 -15.86 23.34
C ILE B 320 10.57 -17.08 24.19
N LEU B 321 9.94 -18.22 23.95
CA LEU B 321 10.20 -19.39 24.77
C LEU B 321 11.63 -19.88 24.85
N GLU B 322 12.28 -20.07 23.70
CA GLU B 322 13.65 -20.55 23.70
C GLU B 322 14.62 -19.61 24.41
N GLU B 323 14.50 -18.30 24.15
CA GLU B 323 15.37 -17.34 24.77
C GLU B 323 15.29 -17.43 26.28
N VAL B 324 14.08 -17.52 26.80
CA VAL B 324 13.91 -17.62 28.25
C VAL B 324 14.57 -18.93 28.68
N GLY B 325 14.41 -19.96 27.87
CA GLY B 325 15.00 -21.25 28.19
C GLY B 325 16.51 -21.17 28.33
N ARG B 326 17.18 -20.62 27.31
CA ARG B 326 18.62 -20.48 27.33
C ARG B 326 19.10 -19.68 28.52
N ARG B 327 18.45 -18.55 28.78
CA ARG B 327 18.86 -17.72 29.91
C ARG B 327 18.63 -18.40 31.24
N MET B 328 17.86 -19.49 31.24
CA MET B 328 17.63 -20.24 32.45
C MET B 328 18.65 -21.37 32.47
N GLY B 329 19.39 -21.46 31.36
CA GLY B 329 20.41 -22.49 31.21
C GLY B 329 19.83 -23.89 31.28
N LEU B 330 18.81 -24.14 30.47
CA LEU B 330 18.16 -25.44 30.45
C LEU B 330 18.53 -26.17 29.18
N GLU B 331 18.23 -27.46 29.14
CA GLU B 331 18.53 -28.29 27.97
C GLU B 331 17.51 -28.00 26.87
N THR B 332 17.55 -26.79 26.32
CA THR B 332 16.60 -26.40 25.29
C THR B 332 16.73 -27.19 24.00
N HIS B 333 17.59 -28.19 23.98
CA HIS B 333 17.78 -29.00 22.80
C HIS B 333 17.25 -30.41 23.00
N THR B 334 16.72 -30.66 24.19
CA THR B 334 16.16 -31.97 24.50
C THR B 334 14.74 -31.75 24.97
N LEU B 335 13.80 -31.95 24.06
CA LEU B 335 12.39 -31.78 24.39
C LEU B 335 12.01 -32.55 25.62
N ALA B 336 12.46 -33.80 25.68
CA ALA B 336 12.15 -34.67 26.81
C ALA B 336 12.54 -34.09 28.15
N SER B 337 13.43 -33.10 28.14
CA SER B 337 13.89 -32.46 29.38
C SER B 337 12.80 -31.63 30.03
N LEU B 338 11.71 -31.40 29.32
CA LEU B 338 10.61 -30.60 29.82
C LEU B 338 11.04 -29.15 30.12
N TRP B 339 12.05 -28.67 29.39
CA TRP B 339 12.53 -27.30 29.61
C TRP B 339 11.42 -26.30 29.34
N LYS B 340 10.68 -26.52 28.26
CA LYS B 340 9.59 -25.62 27.91
C LYS B 340 8.62 -25.42 29.08
N ASP B 341 8.30 -26.51 29.78
CA ASP B 341 7.40 -26.43 30.91
C ASP B 341 7.97 -25.54 32.01
N ARG B 342 9.28 -25.61 32.21
CA ARG B 342 9.91 -24.79 33.24
C ARG B 342 9.94 -23.31 32.88
N ALA B 343 10.25 -23.02 31.61
CA ALA B 343 10.30 -21.63 31.17
C ALA B 343 8.94 -20.95 31.31
N VAL B 344 7.94 -21.49 30.63
CA VAL B 344 6.59 -20.93 30.65
C VAL B 344 6.07 -20.63 32.05
N THR B 345 6.44 -21.45 33.03
CA THR B 345 5.98 -21.19 34.39
C THR B 345 6.66 -19.92 34.92
N GLU B 346 7.93 -19.74 34.56
CA GLU B 346 8.65 -18.55 35.01
C GLU B 346 8.02 -17.31 34.36
N ILE B 347 7.74 -17.40 33.07
CA ILE B 347 7.14 -16.30 32.34
C ILE B 347 5.77 -15.94 32.96
N ASN B 348 4.96 -16.95 33.26
CA ASN B 348 3.64 -16.73 33.86
C ASN B 348 3.81 -16.02 35.18
N VAL B 349 4.83 -16.42 35.94
CA VAL B 349 5.10 -15.81 37.24
C VAL B 349 5.50 -14.34 37.08
N ALA B 350 6.32 -14.07 36.05
CA ALA B 350 6.77 -12.71 35.76
C ALA B 350 5.57 -11.82 35.44
N VAL B 351 4.70 -12.28 34.54
CA VAL B 351 3.50 -11.53 34.17
C VAL B 351 2.70 -11.18 35.40
N LEU B 352 2.33 -12.20 36.18
CA LEU B 352 1.54 -11.97 37.38
C LEU B 352 2.25 -11.05 38.36
N HIS B 353 3.55 -11.28 38.52
CA HIS B 353 4.36 -10.48 39.43
C HIS B 353 4.40 -9.03 38.99
N SER B 354 4.60 -8.81 37.69
CA SER B 354 4.65 -7.46 37.17
C SER B 354 3.34 -6.68 37.32
N PHE B 355 2.22 -7.29 36.94
CA PHE B 355 0.92 -6.61 37.07
C PHE B 355 0.63 -6.29 38.52
N GLN B 356 1.05 -7.17 39.42
CA GLN B 356 0.80 -6.93 40.84
C GLN B 356 1.71 -5.81 41.33
N LYS B 357 2.98 -5.88 40.95
CA LYS B 357 3.98 -4.89 41.32
C LYS B 357 3.51 -3.51 40.93
N GLN B 358 2.99 -3.38 39.71
CA GLN B 358 2.53 -2.11 39.19
C GLN B 358 1.06 -1.80 39.41
N ASN B 359 0.44 -2.54 40.33
CA ASN B 359 -0.97 -2.36 40.69
C ASN B 359 -2.00 -2.43 39.58
N VAL B 360 -1.79 -3.33 38.62
CA VAL B 360 -2.71 -3.49 37.52
C VAL B 360 -3.49 -4.78 37.70
N THR B 361 -4.82 -4.67 37.62
CA THR B 361 -5.68 -5.83 37.80
C THR B 361 -5.35 -6.99 36.85
N ILE B 362 -5.20 -8.17 37.43
CA ILE B 362 -4.94 -9.37 36.65
C ILE B 362 -5.38 -10.57 37.51
N MET B 363 -5.65 -11.71 36.87
CA MET B 363 -6.08 -12.90 37.59
C MET B 363 -5.35 -14.12 37.06
N ASP B 364 -4.82 -14.96 37.95
CA ASP B 364 -4.11 -16.16 37.49
C ASP B 364 -5.14 -17.19 37.02
N HIS B 365 -4.72 -18.12 36.18
CA HIS B 365 -5.65 -19.11 35.64
C HIS B 365 -6.28 -20.06 36.64
N HIS B 366 -5.58 -20.33 37.75
CA HIS B 366 -6.14 -21.22 38.76
C HIS B 366 -7.34 -20.57 39.42
N THR B 367 -7.15 -19.35 39.89
CA THR B 367 -8.22 -18.60 40.55
C THR B 367 -9.36 -18.42 39.54
N ALA B 368 -9.01 -18.08 38.30
CA ALA B 368 -10.01 -17.87 37.27
C ALA B 368 -10.86 -19.12 37.11
N SER B 369 -10.20 -20.27 37.08
CA SER B 369 -10.91 -21.53 36.94
C SER B 369 -11.87 -21.76 38.09
N GLU B 370 -11.39 -21.65 39.33
CA GLU B 370 -12.26 -21.87 40.47
C GLU B 370 -13.44 -20.92 40.40
N SER B 371 -13.18 -19.71 39.94
CA SER B 371 -14.24 -18.73 39.83
C SER B 371 -15.30 -19.14 38.81
N PHE B 372 -14.86 -19.60 37.64
CA PHE B 372 -15.83 -19.99 36.63
C PHE B 372 -16.68 -21.15 37.12
N MET B 373 -16.05 -22.10 37.80
CA MET B 373 -16.76 -23.26 38.34
C MET B 373 -17.87 -22.81 39.28
N LYS B 374 -17.56 -21.84 40.14
CA LYS B 374 -18.58 -21.33 41.06
C LYS B 374 -19.68 -20.67 40.24
N HIS B 375 -19.30 -19.94 39.21
CA HIS B 375 -20.26 -19.26 38.36
C HIS B 375 -21.19 -20.22 37.64
N MET B 376 -20.61 -21.27 37.08
CA MET B 376 -21.38 -22.26 36.34
C MET B 376 -22.39 -22.93 37.26
N GLN B 377 -21.93 -23.28 38.47
CA GLN B 377 -22.80 -23.90 39.44
C GLN B 377 -23.94 -22.93 39.76
N ASN B 378 -23.62 -21.64 39.90
CA ASN B 378 -24.67 -20.66 40.19
C ASN B 378 -25.68 -20.65 39.05
N GLU B 379 -25.17 -20.69 37.81
CA GLU B 379 -26.01 -20.66 36.63
C GLU B 379 -26.97 -21.83 36.50
N TYR B 380 -26.54 -23.03 36.87
CA TYR B 380 -27.43 -24.17 36.75
C TYR B 380 -28.62 -24.06 37.70
N ARG B 381 -28.40 -23.41 38.84
CA ARG B 381 -29.44 -23.19 39.83
C ARG B 381 -30.33 -22.06 39.33
N ALA B 382 -29.71 -20.98 38.87
CA ALA B 382 -30.43 -19.81 38.37
C ALA B 382 -31.34 -20.12 37.20
N ARG B 383 -30.80 -20.76 36.16
CA ARG B 383 -31.61 -21.08 35.00
C ARG B 383 -31.32 -22.42 34.36
N GLY B 384 -30.76 -23.34 35.14
CA GLY B 384 -30.48 -24.67 34.63
C GLY B 384 -29.65 -24.75 33.37
N GLY B 385 -28.43 -24.24 33.44
CA GLY B 385 -27.58 -24.30 32.27
C GLY B 385 -26.63 -23.13 32.12
N CYS B 386 -25.53 -23.38 31.44
CA CYS B 386 -24.51 -22.38 31.19
C CYS B 386 -23.76 -22.78 29.92
N PRO B 387 -23.99 -22.05 28.82
CA PRO B 387 -23.29 -22.39 27.58
C PRO B 387 -21.79 -22.26 27.86
N ALA B 388 -21.03 -23.29 27.50
CA ALA B 388 -19.60 -23.30 27.76
C ALA B 388 -18.80 -24.04 26.70
N ASP B 389 -17.71 -23.42 26.24
CA ASP B 389 -16.84 -24.02 25.24
C ASP B 389 -15.60 -24.51 25.97
N TRP B 390 -15.62 -25.78 26.33
CA TRP B 390 -14.52 -26.40 27.06
C TRP B 390 -13.15 -26.05 26.46
N ILE B 391 -13.04 -26.17 25.15
CA ILE B 391 -11.79 -25.89 24.45
C ILE B 391 -11.22 -24.50 24.73
N TRP B 392 -12.09 -23.52 24.93
CA TRP B 392 -11.62 -22.17 25.24
C TRP B 392 -11.49 -21.91 26.74
N LEU B 393 -12.37 -22.51 27.53
CA LEU B 393 -12.35 -22.30 28.97
C LEU B 393 -11.18 -22.94 29.70
N VAL B 394 -10.68 -24.07 29.23
CA VAL B 394 -9.55 -24.69 29.88
C VAL B 394 -8.29 -23.89 29.50
N PRO B 395 -7.59 -23.33 30.50
CA PRO B 395 -6.37 -22.54 30.30
C PRO B 395 -5.32 -23.22 29.42
N PRO B 396 -4.52 -22.43 28.68
CA PRO B 396 -3.46 -22.93 27.79
C PRO B 396 -2.30 -23.67 28.51
N VAL B 397 -2.32 -23.70 29.83
CA VAL B 397 -1.32 -24.43 30.58
C VAL B 397 -1.97 -25.06 31.81
N SER B 398 -1.37 -26.15 32.28
CA SER B 398 -1.85 -26.87 33.44
C SER B 398 -3.36 -27.17 33.41
N GLY B 399 -3.81 -27.64 32.26
CA GLY B 399 -5.21 -27.98 32.06
C GLY B 399 -5.90 -28.78 33.15
N SER B 400 -5.55 -30.05 33.29
CA SER B 400 -6.19 -30.92 34.29
C SER B 400 -5.90 -30.51 35.74
N ILE B 401 -4.97 -29.58 35.91
CA ILE B 401 -4.65 -29.10 37.26
C ILE B 401 -5.70 -28.06 37.65
N THR B 402 -6.53 -27.65 36.70
CA THR B 402 -7.59 -26.70 37.01
C THR B 402 -8.89 -27.49 37.02
N PRO B 403 -9.91 -26.99 37.72
CA PRO B 403 -11.18 -27.72 37.78
C PRO B 403 -12.04 -27.73 36.52
N VAL B 404 -11.93 -26.68 35.69
CA VAL B 404 -12.74 -26.64 34.47
C VAL B 404 -12.47 -27.84 33.57
N PHE B 405 -11.26 -28.36 33.63
CA PHE B 405 -10.87 -29.50 32.81
C PHE B 405 -11.70 -30.77 33.06
N HIS B 406 -12.09 -30.99 34.32
CA HIS B 406 -12.85 -32.18 34.69
C HIS B 406 -14.36 -31.99 34.65
N GLN B 407 -14.79 -30.88 34.08
CA GLN B 407 -16.21 -30.55 33.98
C GLN B 407 -16.75 -30.74 32.57
N GLU B 408 -17.71 -31.64 32.39
CA GLU B 408 -18.28 -31.84 31.07
C GLU B 408 -19.12 -30.59 30.84
N MET B 409 -19.12 -30.07 29.62
CA MET B 409 -19.87 -28.86 29.33
C MET B 409 -20.66 -28.98 28.07
N LEU B 410 -21.60 -28.06 27.92
CA LEU B 410 -22.47 -28.02 26.76
C LEU B 410 -22.30 -26.67 26.13
N ASN B 411 -22.06 -26.65 24.82
CA ASN B 411 -21.86 -25.39 24.12
C ASN B 411 -23.00 -25.12 23.14
N TYR B 412 -23.69 -23.99 23.33
CA TYR B 412 -24.79 -23.62 22.45
C TYR B 412 -24.91 -22.11 22.38
N VAL B 413 -25.56 -21.61 21.33
CA VAL B 413 -25.73 -20.18 21.15
C VAL B 413 -27.10 -19.64 21.53
N LEU B 414 -27.14 -18.83 22.58
CA LEU B 414 -28.40 -18.23 23.04
C LEU B 414 -28.46 -16.82 22.48
N SER B 415 -29.39 -16.01 22.97
CA SER B 415 -29.54 -14.63 22.50
C SER B 415 -30.04 -13.81 23.69
N PRO B 416 -29.50 -12.60 23.91
CA PRO B 416 -28.44 -11.88 23.15
C PRO B 416 -27.13 -12.66 23.10
N PHE B 417 -26.29 -12.33 22.12
CA PHE B 417 -25.03 -13.03 21.93
C PHE B 417 -23.99 -12.14 21.21
N TYR B 418 -22.71 -12.39 21.47
CA TYR B 418 -21.63 -11.65 20.83
C TYR B 418 -21.08 -12.54 19.72
N TYR B 419 -21.29 -12.12 18.47
CA TYR B 419 -20.83 -12.90 17.32
C TYR B 419 -19.56 -12.32 16.71
N TYR B 420 -18.88 -13.14 15.92
CA TYR B 420 -17.69 -12.68 15.22
C TYR B 420 -18.26 -12.05 13.96
N GLN B 421 -17.42 -11.41 13.16
CA GLN B 421 -17.84 -10.80 11.90
C GLN B 421 -16.78 -11.10 10.87
N ILE B 422 -17.10 -10.86 9.61
CA ILE B 422 -16.16 -11.06 8.52
C ILE B 422 -15.25 -9.84 8.59
N GLU B 423 -13.95 -10.03 8.34
CA GLU B 423 -13.05 -8.88 8.38
C GLU B 423 -13.68 -7.83 7.47
N PRO B 424 -13.97 -6.63 8.02
CA PRO B 424 -14.60 -5.56 7.25
C PRO B 424 -13.95 -5.22 5.90
N TRP B 425 -12.62 -5.15 5.89
CA TRP B 425 -11.90 -4.84 4.66
C TRP B 425 -12.12 -5.87 3.55
N LYS B 426 -12.82 -6.96 3.87
CA LYS B 426 -13.06 -8.00 2.87
C LYS B 426 -14.42 -7.81 2.23
N THR B 427 -15.23 -6.90 2.74
CA THR B 427 -16.55 -6.68 2.18
C THR B 427 -16.88 -5.21 2.02
N HIS B 428 -16.00 -4.37 2.51
CA HIS B 428 -16.22 -2.93 2.43
C HIS B 428 -16.18 -2.43 1.00
N ILE B 429 -17.29 -1.84 0.56
CA ILE B 429 -17.35 -1.29 -0.78
C ILE B 429 -16.77 0.10 -0.59
N TRP B 430 -15.52 0.30 -0.99
CA TRP B 430 -14.89 1.60 -0.82
C TRP B 430 -15.55 2.71 -1.63
N GLN B 431 -15.27 3.95 -1.25
CA GLN B 431 -15.80 5.11 -1.94
C GLN B 431 -14.66 5.81 -2.68
N ASN B 432 -13.68 6.28 -1.92
CA ASN B 432 -12.52 6.97 -2.48
C ASN B 432 -11.24 6.26 -2.05
CHA HEM C . 16.92 14.17 -23.84
CHB HEM C . 21.33 12.59 -25.03
CHC HEM C . 19.44 9.69 -28.32
CHD HEM C . 15.10 11.57 -27.48
C1A HEM C . 18.30 13.91 -23.78
C2A HEM C . 19.23 14.37 -22.72
C3A HEM C . 20.45 13.96 -23.10
C4A HEM C . 20.30 13.24 -24.36
CMA HEM C . 21.74 14.30 -22.36
CAA HEM C . 18.91 15.02 -21.38
CBA HEM C . 18.16 14.06 -20.44
CGA HEM C . 17.82 14.69 -19.10
O1A HEM C . 16.84 14.24 -18.46
O2A HEM C . 18.53 15.62 -18.67
C1B HEM C . 21.22 11.76 -26.13
C2B HEM C . 22.32 11.01 -26.67
C3B HEM C . 21.83 10.17 -27.60
C4B HEM C . 20.38 10.41 -27.62
CMB HEM C . 23.77 11.08 -26.20
CAB HEM C . 22.63 9.20 -28.22
CBB HEM C . 22.43 8.41 -29.33
C1C HEM C . 18.07 9.86 -28.29
C2C HEM C . 17.13 9.08 -29.06
C3C HEM C . 15.86 9.65 -28.90
C4C HEM C . 16.09 10.78 -27.98
CMC HEM C . 17.50 7.80 -29.85
CAC HEM C . 14.61 9.25 -29.44
CBC HEM C . 14.42 8.36 -30.49
C1D HEM C . 15.23 12.52 -26.49
C2D HEM C . 14.11 13.25 -25.92
C3D HEM C . 14.60 13.95 -24.86
C4D HEM C . 16.05 13.68 -24.81
CMD HEM C . 12.66 13.30 -26.38
CAD HEM C . 13.71 14.66 -23.84
CBD HEM C . 13.51 13.78 -22.62
CGD HEM C . 12.72 14.49 -21.55
O1D HEM C . 12.69 14.00 -20.39
O2D HEM C . 12.12 15.53 -21.84
NA HEM C . 18.99 13.20 -24.76
NB HEM C . 20.04 11.42 -26.73
NC HEM C . 17.42 10.88 -27.62
ND HEM C . 16.40 12.81 -25.83
FE HEM C . 18.25 12.37 -26.50
N1 H4B D . 18.36 20.18 -18.55
C2 H4B D . 18.30 18.86 -18.75
N2 H4B D . 19.05 18.56 -19.82
N3 H4B D . 17.64 17.97 -18.02
C4 H4B D . 17.07 18.73 -17.09
O4 H4B D . 16.66 17.96 -16.23
C4A H4B D . 16.74 20.01 -16.58
C8A H4B D . 17.55 20.60 -17.58
N5 H4B D . 16.07 20.75 -15.70
N8 H4B D . 17.56 21.93 -17.67
C6 H4B D . 16.22 22.20 -15.84
C7 H4B D . 17.24 22.84 -16.68
C9 H4B D . 15.14 22.01 -14.76
O9 H4B D . 15.72 22.40 -13.51
C10 H4B D . 14.85 23.53 -14.76
C11 H4B D . 14.06 24.39 -13.78
O10 H4B D . 13.97 23.84 -15.84
C1 329 E . 16.63 8.02 -23.91
C2 329 E . 17.39 8.54 -22.78
O1 329 E . 16.93 8.26 -21.49
C3 329 E . 16.98 9.23 -20.40
C4 329 E . 17.70 8.58 -19.16
N1 329 E . 19.13 10.52 -21.08
C5 329 E . 19.44 9.90 -22.22
N2 329 E . 20.72 9.84 -22.57
C6 329 E . 18.49 9.26 -23.13
S1 329 E . 18.70 9.34 -24.86
C7 329 E . 17.20 8.37 -25.07
C8 329 E . 17.72 10.59 -20.67
S SO4 F . 24.95 41.38 -36.08
O1 SO4 F . 23.85 40.71 -35.35
O2 SO4 F . 25.80 40.36 -36.73
O3 SO4 F . 24.38 42.27 -37.12
O4 SO4 F . 25.75 42.18 -35.14
S SO4 G . 21.50 39.04 -41.78
O1 SO4 G . 20.16 38.93 -41.18
O2 SO4 G . 21.84 37.79 -42.49
O3 SO4 G . 21.52 40.17 -42.75
O4 SO4 G . 22.51 39.29 -40.73
CHA HEM H . -13.03 -14.37 26.07
CHB HEM H . -11.48 -13.32 30.54
CHC HEM H . -14.77 -9.96 30.91
CHD HEM H . -16.63 -11.22 26.67
C1A HEM H . -12.22 -14.29 27.22
C2A HEM H . -10.94 -14.92 27.41
C3A HEM H . -10.55 -14.67 28.65
C4A HEM H . -11.56 -13.83 29.24
CMA HEM H . -9.33 -15.28 29.33
CAA HEM H . -10.03 -15.63 26.39
CBA HEM H . -9.47 -14.71 25.32
CGA HEM H . -8.69 -15.45 24.26
O1A HEM H . -8.42 -14.87 23.18
O2A HEM H . -8.35 -16.64 24.50
C1B HEM H . -12.36 -12.43 31.13
C2B HEM H . -12.09 -11.79 32.39
C3B HEM H . -13.00 -10.80 32.54
C4B HEM H . -13.83 -10.86 31.32
CMB HEM H . -10.96 -12.13 33.32
CAB HEM H . -13.06 -9.96 33.66
CBB HEM H . -14.11 -9.10 34.03
C1C HEM H . -15.51 -9.94 29.74
C2C HEM H . -16.49 -8.92 29.42
C3C HEM H . -17.11 -9.32 28.24
C4C HEM H . -16.42 -10.56 27.85
CMC HEM H . -16.69 -7.64 30.24
CAC HEM H . -18.20 -8.75 27.56
CBC HEM H . -19.02 -7.71 28.03
C1D HEM H . -15.90 -12.28 26.18
C2D HEM H . -16.08 -12.85 24.86
C3D HEM H . -15.06 -13.71 24.65
C4D HEM H . -14.25 -13.70 25.88
CMD HEM H . -17.19 -12.53 23.86
CAD HEM H . -14.78 -14.33 23.31
CBD HEM H . -13.59 -13.66 22.61
CGD HEM H . -13.24 -14.35 21.30
O1D HEM H . -12.25 -13.96 20.67
O2D HEM H . -13.98 -15.28 20.92
NA HEM H . -12.57 -13.60 28.35
NB HEM H . -13.44 -11.88 30.51
NC HEM H . -15.47 -10.90 28.77
ND HEM H . -14.79 -12.82 26.80
FE HEM H . -14.29 -12.55 28.76
N1 H4B I . -8.78 -21.16 23.93
C2 H4B I . -8.70 -19.84 24.09
N2 H4B I . -9.14 -19.39 25.26
N3 H4B I . -8.24 -18.88 23.29
C4 H4B I . -7.84 -19.51 22.19
O4 H4B I . -7.22 -18.89 21.32
C4A H4B I . -7.88 -20.77 21.59
C8A H4B I . -8.36 -21.48 22.71
N5 H4B I . -7.63 -21.40 20.44
N8 H4B I . -8.49 -22.81 22.71
C6 H4B I . -7.76 -22.85 20.40
C7 H4B I . -8.02 -23.56 21.67
C9 H4B I . -7.23 -23.02 18.96
O9 H4B I . -5.91 -23.52 18.76
C10 H4B I . -7.83 -24.40 18.63
C11 H4B I . -7.49 -24.96 17.25
O10 H4B I . -9.26 -24.30 18.57
C1 329 J . -12.40 -8.26 26.37
C2 329 J . -11.13 -8.98 26.30
O1 329 J . -10.26 -8.72 25.22
C3 329 J . -9.54 -9.77 24.52
C4 329 J . -8.03 -9.40 24.45
N1 329 J . -9.13 -11.35 26.55
C5 329 J . -9.77 -10.71 27.52
N2 329 J . -9.34 -10.83 28.78
C6 329 J . -10.94 -9.86 27.33
S1 329 J . -12.27 -9.88 28.47
C7 329 J . -13.11 -8.65 27.46
C8 329 J . -9.60 -11.22 25.16
S SO4 K . -22.67 -41.76 37.46
O1 SO4 K . -23.53 -42.86 36.99
O2 SO4 K . -23.38 -40.98 38.50
O3 SO4 K . -21.43 -42.32 38.04
O4 SO4 K . -22.34 -40.88 36.33
S SO4 L . -29.09 -38.17 38.20
O1 SO4 L . -29.19 -38.14 36.73
O2 SO4 L . -27.83 -38.83 38.61
O3 SO4 L . -29.10 -36.79 38.73
O4 SO4 L . -30.24 -38.91 38.76
#